data_8R8L
#
_entry.id   8R8L
#
loop_
_entity.id
_entity.type
_entity.pdbx_description
1 polymer 'Peptide 2k'
2 non-polymer 2-acetamido-2-deoxy-beta-D-glucopyranose
#
_entity_poly.entity_id   1
_entity_poly.type   'polypeptide(L)'
_entity_poly.pdbx_seq_one_letter_code
;SRCTHLENRDFVTGTQGTTRVTLVLELGGCVTITAEGKPSMDVWLDSIYQENPAKTREYCLHAKLSDTKVAARCPTMGPA
TLAEEHQSGTVCKRDQSDRGWGNHCGLFGKGSIVTCVKASCEAKKKATGHVYDANKIVYTVKVEPHTGDYVAANETHSGR
KTASFTVSSEKTILTMGDYGDVSLLCRVASGVDLAQTVILELDKTSEHLPTAWQVHRDWFNDLALPWKHEGAQNWNNAER
LVEFGAPHAVKMDVYNLGDHTGVLLKSLAGVPVAHIDGTKYHLKSGHVTCEVGLEKLKMKGLTYTMCDKTKFTWKRIPTD
SGHDTVVMEVAFSGTKPCRIPVRAVAHGSPDVNVAMLITPNPIIENNGGGFIEMQLPPGDNIIYVGELSHQWFQKG
;
_entity_poly.pdbx_strand_id   A,B,C
#
# COMPACT_ATOMS: atom_id res chain seq x y z
N SER A 1 -3.34 -26.02 -21.58
CA SER A 1 -1.90 -25.67 -21.46
C SER A 1 -1.64 -24.92 -20.17
N ARG A 2 -0.99 -25.58 -19.20
CA ARG A 2 -0.54 -24.99 -17.94
C ARG A 2 0.34 -23.77 -18.18
N CYS A 3 1.20 -23.76 -19.19
CA CYS A 3 2.06 -22.60 -19.42
C CYS A 3 1.31 -21.32 -19.85
N THR A 4 0.03 -21.37 -20.25
CA THR A 4 -0.78 -20.14 -20.38
C THR A 4 -1.16 -19.51 -19.03
N HIS A 5 -1.21 -20.29 -17.94
CA HIS A 5 -1.62 -19.82 -16.61
C HIS A 5 -0.59 -18.92 -15.93
N LEU A 6 0.66 -18.91 -16.40
CA LEU A 6 1.76 -18.16 -15.80
C LEU A 6 2.25 -17.05 -16.74
N GLU A 7 2.61 -15.91 -16.18
CA GLU A 7 3.16 -14.79 -16.95
C GLU A 7 4.68 -14.89 -17.15
N ASN A 8 5.32 -15.90 -16.57
CA ASN A 8 6.67 -16.32 -16.92
C ASN A 8 6.61 -17.63 -17.71
N ARG A 9 7.09 -17.59 -18.95
CA ARG A 9 7.03 -18.70 -19.91
C ARG A 9 8.19 -18.62 -20.90
N ASP A 10 8.62 -19.76 -21.41
CA ASP A 10 9.56 -19.83 -22.53
C ASP A 10 9.20 -20.96 -23.51
N PHE A 11 9.77 -20.89 -24.71
CA PHE A 11 9.51 -21.83 -25.80
C PHE A 11 10.84 -22.40 -26.32
N VAL A 12 10.90 -23.71 -26.55
CA VAL A 12 12.14 -24.38 -26.99
C VAL A 12 11.85 -25.34 -28.15
N THR A 13 12.71 -25.37 -29.17
CA THR A 13 12.59 -26.26 -30.32
C THR A 13 13.08 -27.68 -29.99
N THR A 19 17.02 -35.90 -30.62
CA THR A 19 15.67 -35.96 -30.06
C THR A 19 15.59 -35.43 -28.63
N ARG A 20 16.72 -35.00 -28.05
CA ARG A 20 16.84 -34.59 -26.64
C ARG A 20 17.32 -33.14 -26.50
N VAL A 21 16.86 -32.50 -25.43
CA VAL A 21 16.89 -31.06 -25.17
C VAL A 21 17.33 -30.81 -23.73
N THR A 22 18.17 -29.82 -23.47
CA THR A 22 18.51 -29.38 -22.10
C THR A 22 17.80 -28.07 -21.76
N LEU A 23 17.10 -28.07 -20.64
CA LEU A 23 16.33 -26.95 -20.10
C LEU A 23 16.86 -26.55 -18.73
N VAL A 24 16.68 -25.29 -18.35
CA VAL A 24 16.63 -24.91 -16.93
C VAL A 24 15.16 -24.78 -16.54
N LEU A 25 14.73 -25.54 -15.54
CA LEU A 25 13.37 -25.47 -15.02
C LEU A 25 13.41 -24.70 -13.70
N GLU A 26 12.51 -23.74 -13.52
CA GLU A 26 12.46 -22.87 -12.35
C GLU A 26 11.12 -23.00 -11.63
N LEU A 27 11.12 -22.86 -10.31
CA LEU A 27 9.90 -22.58 -9.58
C LEU A 27 9.33 -21.24 -10.05
N GLY A 28 8.02 -21.19 -10.35
CA GLY A 28 7.40 -19.99 -10.92
C GLY A 28 7.83 -19.70 -12.37
N GLY A 29 7.99 -20.75 -13.17
CA GLY A 29 8.28 -20.68 -14.60
C GLY A 29 7.79 -21.94 -15.32
N CYS A 30 7.61 -21.86 -16.64
CA CYS A 30 7.06 -22.96 -17.44
C CYS A 30 7.65 -22.92 -18.84
N VAL A 31 7.90 -24.07 -19.45
CA VAL A 31 8.42 -24.17 -20.82
C VAL A 31 7.45 -24.94 -21.67
N THR A 32 7.01 -24.39 -22.80
CA THR A 32 6.37 -25.18 -23.85
C THR A 32 7.45 -25.69 -24.80
N ILE A 33 7.77 -26.97 -24.70
CA ILE A 33 8.69 -27.67 -25.61
C ILE A 33 7.95 -27.98 -26.91
N THR A 34 8.59 -27.73 -28.04
CA THR A 34 8.08 -27.94 -29.39
C THR A 34 9.10 -28.71 -30.23
N ALA A 35 8.67 -29.61 -31.11
CA ALA A 35 9.54 -30.22 -32.11
C ALA A 35 8.74 -30.65 -33.35
N GLU A 36 9.41 -30.74 -34.50
CA GLU A 36 8.81 -31.15 -35.76
C GLU A 36 8.17 -32.55 -35.64
N GLY A 37 6.86 -32.66 -35.92
CA GLY A 37 6.14 -33.93 -35.94
C GLY A 37 5.95 -34.62 -34.59
N LYS A 38 6.32 -33.97 -33.47
CA LYS A 38 6.04 -34.42 -32.09
C LYS A 38 5.02 -33.49 -31.41
N PRO A 39 4.06 -34.01 -30.65
CA PRO A 39 3.17 -33.16 -29.86
C PRO A 39 4.00 -32.28 -28.92
N SER A 40 3.67 -31.01 -28.81
CA SER A 40 4.35 -30.12 -27.86
C SER A 40 4.00 -30.51 -26.42
N MET A 41 4.87 -30.14 -25.48
CA MET A 41 4.79 -30.52 -24.08
C MET A 41 4.96 -29.28 -23.23
N ASP A 42 4.16 -29.11 -22.18
CA ASP A 42 4.43 -28.08 -21.17
C ASP A 42 5.16 -28.76 -20.01
N VAL A 43 6.31 -28.20 -19.62
CA VAL A 43 7.20 -28.75 -18.58
C VAL A 43 7.59 -27.67 -17.57
N TRP A 44 7.48 -28.00 -16.29
CA TRP A 44 7.86 -27.14 -15.19
C TRP A 44 8.40 -27.90 -13.99
N LEU A 45 9.26 -27.24 -13.22
CA LEU A 45 9.62 -27.59 -11.85
C LEU A 45 8.45 -27.22 -10.94
N ASP A 46 7.73 -28.20 -10.44
CA ASP A 46 6.54 -28.04 -9.62
C ASP A 46 6.87 -27.62 -8.19
N SER A 47 7.84 -28.26 -7.55
CA SER A 47 8.20 -28.03 -6.15
C SER A 47 9.63 -28.46 -5.88
N ILE A 48 10.28 -27.83 -4.89
CA ILE A 48 11.49 -28.34 -4.23
C ILE A 48 11.15 -28.48 -2.75
N TYR A 49 11.36 -29.63 -2.11
CA TYR A 49 11.01 -29.81 -0.70
C TYR A 49 11.85 -30.89 -0.01
N GLN A 50 11.79 -30.97 1.31
CA GLN A 50 12.32 -32.08 2.10
C GLN A 50 11.35 -32.47 3.22
N GLU A 51 11.23 -33.75 3.53
CA GLU A 51 10.52 -34.22 4.72
C GLU A 51 11.38 -34.00 5.97
N ASN A 52 10.90 -33.20 6.92
CA ASN A 52 11.54 -32.94 8.22
C ASN A 52 13.04 -32.60 8.11
N PRO A 53 13.45 -31.51 7.42
CA PRO A 53 14.84 -31.11 7.35
C PRO A 53 15.46 -30.88 8.74
N ALA A 54 16.77 -31.09 8.84
CA ALA A 54 17.49 -31.10 10.12
C ALA A 54 17.44 -29.73 10.81
N LYS A 55 17.02 -29.69 12.08
CA LYS A 55 17.05 -28.46 12.91
C LYS A 55 18.48 -27.97 13.07
N THR A 56 18.68 -26.67 13.00
CA THR A 56 19.86 -26.00 13.52
C THR A 56 19.46 -25.34 14.86
N ARG A 57 20.03 -24.19 15.19
CA ARG A 57 19.75 -23.42 16.40
C ARG A 57 18.27 -23.03 16.56
N GLU A 58 17.76 -23.14 17.78
CA GLU A 58 16.57 -22.43 18.25
C GLU A 58 16.99 -21.07 18.81
N TYR A 59 16.18 -20.05 18.62
CA TYR A 59 16.27 -18.76 19.30
C TYR A 59 15.01 -18.51 20.10
N CYS A 60 15.15 -17.75 21.18
CA CYS A 60 14.06 -17.29 22.00
C CYS A 60 13.76 -15.83 21.66
N LEU A 61 12.51 -15.51 21.37
CA LEU A 61 12.03 -14.17 21.06
C LEU A 61 11.44 -13.46 22.27
N HIS A 62 11.00 -14.20 23.29
CA HIS A 62 10.39 -13.63 24.47
C HIS A 62 10.78 -14.46 25.68
N ALA A 63 11.66 -13.91 26.52
CA ALA A 63 12.11 -14.56 27.75
C ALA A 63 11.03 -14.56 28.83
N LYS A 64 11.04 -15.54 29.72
CA LYS A 64 10.21 -15.56 30.93
C LYS A 64 11.11 -15.57 32.17
N LEU A 65 10.92 -14.61 33.07
CA LEU A 65 11.77 -14.43 34.25
C LEU A 65 11.00 -14.77 35.52
N SER A 66 11.59 -15.57 36.40
CA SER A 66 11.01 -15.90 37.70
C SER A 66 12.10 -16.30 38.71
N ASP A 67 11.74 -16.34 39.99
CA ASP A 67 12.65 -16.62 41.11
C ASP A 67 13.84 -15.66 41.14
N THR A 68 13.55 -14.36 41.11
CA THR A 68 14.54 -13.30 41.32
C THR A 68 15.04 -13.34 42.75
N LYS A 69 16.36 -13.21 42.92
CA LYS A 69 17.05 -13.14 44.19
C LYS A 69 18.08 -12.02 44.18
N VAL A 70 18.20 -11.30 45.27
CA VAL A 70 19.18 -10.22 45.49
C VAL A 70 19.98 -10.53 46.75
N ALA A 71 21.29 -10.29 46.71
CA ALA A 71 22.13 -10.25 47.90
C ALA A 71 23.05 -9.05 47.82
N ALA A 72 23.21 -8.32 48.91
CA ALA A 72 24.09 -7.17 49.01
C ALA A 72 25.00 -7.23 50.24
N ARG A 73 26.18 -6.60 50.16
CA ARG A 73 27.16 -6.47 51.25
C ARG A 73 27.69 -5.06 51.40
N CYS A 74 27.86 -4.62 52.64
CA CYS A 74 28.33 -3.29 53.03
C CYS A 74 29.74 -2.98 52.51
N PRO A 75 30.13 -1.69 52.45
CA PRO A 75 31.24 -1.18 51.62
C PRO A 75 32.62 -1.86 51.68
N THR A 76 32.93 -2.65 52.70
CA THR A 76 34.23 -3.31 52.87
C THR A 76 34.14 -4.79 53.19
N MET A 77 32.94 -5.37 53.27
CA MET A 77 32.74 -6.80 53.57
C MET A 77 32.92 -7.73 52.37
N GLY A 78 33.55 -7.26 51.30
CA GLY A 78 33.81 -8.04 50.09
C GLY A 78 32.57 -8.32 49.26
N PRO A 79 32.68 -9.13 48.20
CA PRO A 79 31.64 -9.29 47.20
C PRO A 79 30.43 -10.05 47.75
N ALA A 80 29.22 -9.57 47.44
CA ALA A 80 27.99 -10.31 47.74
C ALA A 80 27.89 -11.52 46.83
N THR A 81 27.33 -12.64 47.28
CA THR A 81 27.16 -13.81 46.41
C THR A 81 25.87 -14.58 46.66
N LEU A 82 25.39 -15.24 45.61
CA LEU A 82 24.25 -16.16 45.59
C LEU A 82 24.71 -17.51 45.02
N ALA A 83 24.16 -18.61 45.53
CA ALA A 83 24.35 -19.94 44.95
C ALA A 83 23.87 -20.01 43.48
N GLU A 84 22.85 -19.25 43.14
CA GLU A 84 22.32 -19.08 41.79
C GLU A 84 23.32 -18.51 40.79
N GLU A 85 24.45 -17.93 41.19
CA GLU A 85 25.49 -17.52 40.23
C GLU A 85 26.20 -18.69 39.57
N HIS A 86 26.09 -19.89 40.15
CA HIS A 86 26.63 -21.13 39.58
C HIS A 86 25.60 -21.83 38.70
N GLN A 87 24.34 -21.80 39.13
CA GLN A 87 23.29 -22.62 38.56
C GLN A 87 23.03 -22.32 37.08
N SER A 88 22.59 -23.33 36.35
CA SER A 88 22.24 -23.23 34.94
C SER A 88 20.85 -22.62 34.75
N GLY A 89 20.66 -21.88 33.66
CA GLY A 89 19.38 -21.25 33.35
C GLY A 89 19.07 -20.01 34.19
N THR A 90 20.05 -19.45 34.89
CA THR A 90 19.95 -18.15 35.56
C THR A 90 20.69 -17.08 34.77
N VAL A 91 20.14 -15.86 34.75
CA VAL A 91 20.84 -14.65 34.34
C VAL A 91 21.15 -13.86 35.59
N CYS A 92 22.38 -13.36 35.72
CA CYS A 92 22.83 -12.58 36.87
C CYS A 92 23.52 -11.29 36.46
N LYS A 93 23.47 -10.29 37.34
CA LYS A 93 24.32 -9.10 37.27
C LYS A 93 24.95 -8.86 38.62
N ARG A 94 26.24 -8.53 38.59
CA ARG A 94 27.04 -8.05 39.72
C ARG A 94 27.29 -6.57 39.55
N ASP A 95 26.97 -5.77 40.57
CA ASP A 95 27.10 -4.31 40.51
C ASP A 95 27.51 -3.73 41.88
N GLN A 96 27.90 -2.46 41.90
CA GLN A 96 28.14 -1.71 43.13
C GLN A 96 26.98 -0.78 43.47
N SER A 97 26.61 -0.75 44.74
CA SER A 97 25.54 0.08 45.29
C SER A 97 26.15 1.13 46.22
N ASP A 98 25.82 2.41 46.12
CA ASP A 98 26.20 3.37 47.17
C ASP A 98 25.48 3.04 48.47
N ARG A 99 26.25 2.68 49.50
CA ARG A 99 25.77 2.31 50.83
C ARG A 99 26.30 3.29 51.86
N GLY A 100 25.56 3.40 52.95
CA GLY A 100 26.00 4.10 54.13
C GLY A 100 25.18 3.72 55.33
N TRP A 101 25.38 4.48 56.39
CA TRP A 101 24.43 4.60 57.50
C TRP A 101 23.06 5.02 56.93
N GLY A 102 21.97 4.61 57.56
CA GLY A 102 20.64 4.82 56.99
C GLY A 102 20.23 3.79 55.92
N ASN A 103 21.17 3.16 55.21
CA ASN A 103 21.01 1.80 54.66
C ASN A 103 21.50 0.73 55.64
N HIS A 104 21.78 1.15 56.87
CA HIS A 104 22.12 0.25 58.01
C HIS A 104 23.41 -0.56 57.75
N CYS A 105 24.38 0.04 57.06
CA CYS A 105 25.80 -0.27 57.18
C CYS A 105 26.48 0.44 58.36
N GLY A 106 27.65 -0.07 58.75
CA GLY A 106 28.57 0.61 59.65
C GLY A 106 29.44 1.65 58.97
N LEU A 107 29.43 1.78 57.65
CA LEU A 107 30.42 2.55 56.89
C LEU A 107 29.84 3.08 55.57
N PHE A 108 30.40 4.14 55.00
CA PHE A 108 29.94 4.79 53.77
C PHE A 108 30.87 4.46 52.61
N GLY A 109 30.31 4.04 51.49
CA GLY A 109 31.05 3.74 50.27
C GLY A 109 30.27 2.81 49.35
N LYS A 110 30.90 2.33 48.29
CA LYS A 110 30.29 1.39 47.35
C LYS A 110 30.27 -0.03 47.90
N GLY A 111 29.09 -0.47 48.35
CA GLY A 111 28.80 -1.88 48.62
C GLY A 111 28.80 -2.71 47.34
N SER A 112 28.70 -4.02 47.49
CA SER A 112 28.52 -4.96 46.37
C SER A 112 27.11 -5.53 46.42
N ILE A 113 26.46 -5.59 45.27
CA ILE A 113 25.14 -6.19 45.10
C ILE A 113 25.18 -7.18 43.93
N VAL A 114 24.47 -8.28 44.07
CA VAL A 114 24.26 -9.25 43.01
C VAL A 114 22.79 -9.57 42.92
N THR A 115 22.28 -9.69 41.70
CA THR A 115 20.91 -10.11 41.43
C THR A 115 20.94 -11.22 40.41
N CYS A 116 20.14 -12.26 40.62
CA CYS A 116 20.01 -13.41 39.75
C CYS A 116 18.55 -13.80 39.57
N VAL A 117 18.18 -14.24 38.37
CA VAL A 117 16.82 -14.68 38.04
C VAL A 117 16.87 -15.93 37.16
N LYS A 118 15.91 -16.85 37.32
CA LYS A 118 15.75 -18.02 36.46
C LYS A 118 15.02 -17.61 35.18
N ALA A 119 15.71 -17.69 34.04
CA ALA A 119 15.30 -17.10 32.78
C ALA A 119 15.05 -18.15 31.69
N SER A 120 13.83 -18.66 31.59
CA SER A 120 13.42 -19.58 30.52
C SER A 120 12.98 -18.84 29.26
N CYS A 121 12.26 -19.50 28.35
CA CYS A 121 11.66 -18.89 27.17
C CYS A 121 10.15 -19.13 27.15
N GLU A 122 9.41 -18.13 26.73
CA GLU A 122 7.96 -18.12 26.84
C GLU A 122 7.29 -19.06 25.81
N ALA A 123 6.13 -19.62 26.15
CA ALA A 123 5.49 -20.66 25.35
C ALA A 123 5.25 -20.22 23.89
N LYS A 124 5.73 -21.03 22.93
CA LYS A 124 5.66 -20.81 21.48
C LYS A 124 6.43 -19.58 20.94
N LYS A 125 7.21 -18.88 21.76
CA LYS A 125 7.96 -17.68 21.33
C LYS A 125 9.36 -17.99 20.80
N LYS A 126 9.50 -19.06 20.02
CA LYS A 126 10.78 -19.50 19.44
C LYS A 126 10.86 -19.24 17.94
N ALA A 127 11.99 -18.72 17.49
CA ALA A 127 12.40 -18.82 16.09
C ALA A 127 13.26 -20.07 15.91
N THR A 128 12.87 -21.01 15.07
CA THR A 128 13.58 -22.28 14.85
C THR A 128 14.25 -22.28 13.47
N GLY A 129 15.55 -22.52 13.37
CA GLY A 129 16.17 -22.75 12.07
C GLY A 129 16.15 -24.22 11.67
N HIS A 130 15.93 -24.51 10.38
CA HIS A 130 16.18 -25.81 9.76
C HIS A 130 17.09 -25.64 8.55
N VAL A 131 17.85 -26.67 8.16
CA VAL A 131 18.73 -26.66 6.98
C VAL A 131 18.45 -27.88 6.10
N TYR A 132 18.48 -27.71 4.78
CA TYR A 132 18.29 -28.79 3.81
C TYR A 132 19.50 -29.72 3.67
N ASP A 133 19.25 -30.97 3.28
CA ASP A 133 20.26 -31.95 2.90
C ASP A 133 20.14 -32.27 1.40
N ALA A 134 21.20 -32.00 0.63
CA ALA A 134 21.23 -32.30 -0.80
C ALA A 134 21.00 -33.79 -1.15
N ASN A 135 21.20 -34.71 -0.20
CA ASN A 135 20.93 -36.13 -0.36
C ASN A 135 19.52 -36.56 0.11
N LYS A 136 18.68 -35.65 0.58
CA LYS A 136 17.28 -35.93 0.98
C LYS A 136 16.24 -34.98 0.38
N ILE A 137 16.67 -33.85 -0.19
CA ILE A 137 15.79 -32.92 -0.90
C ILE A 137 15.22 -33.53 -2.19
N VAL A 138 13.96 -33.24 -2.51
CA VAL A 138 13.21 -33.73 -3.67
C VAL A 138 12.84 -32.59 -4.59
N TYR A 139 13.20 -32.67 -5.86
CA TYR A 139 12.72 -31.80 -6.93
C TYR A 139 11.58 -32.48 -7.66
N THR A 140 10.36 -31.94 -7.64
CA THR A 140 9.25 -32.47 -8.43
C THR A 140 9.23 -31.76 -9.77
N VAL A 141 9.30 -32.49 -10.86
CA VAL A 141 9.10 -31.96 -12.21
C VAL A 141 7.79 -32.51 -12.75
N LYS A 142 7.00 -31.66 -13.41
CA LYS A 142 5.74 -32.00 -14.04
C LYS A 142 5.77 -31.73 -15.53
N VAL A 143 5.00 -32.54 -16.25
CA VAL A 143 4.84 -32.52 -17.70
C VAL A 143 3.37 -32.66 -18.02
N GLU A 144 2.86 -31.95 -19.00
CA GLU A 144 1.58 -32.32 -19.64
C GLU A 144 1.67 -32.21 -21.16
N PRO A 145 0.95 -33.07 -21.91
CA PRO A 145 0.88 -32.96 -23.34
C PRO A 145 0.10 -31.70 -23.70
N HIS A 146 0.65 -30.93 -24.62
CA HIS A 146 0.04 -29.71 -25.15
C HIS A 146 -1.03 -30.07 -26.19
N THR A 147 -2.03 -30.83 -25.76
CA THR A 147 -3.23 -31.15 -26.54
C THR A 147 -4.09 -29.92 -26.80
N GLY A 148 -5.09 -30.06 -27.67
CA GLY A 148 -6.16 -29.08 -27.86
C GLY A 148 -7.20 -29.06 -26.73
N ASP A 149 -6.84 -29.39 -25.49
CA ASP A 149 -7.74 -29.31 -24.33
C ASP A 149 -7.36 -28.10 -23.46
N TYR A 150 -8.35 -27.31 -23.04
CA TYR A 150 -8.14 -26.23 -22.07
C TYR A 150 -8.75 -26.58 -20.73
N VAL A 151 -7.91 -26.49 -19.69
CA VAL A 151 -8.30 -26.65 -18.26
C VAL A 151 -7.88 -25.38 -17.52
N ALA A 152 -8.60 -25.04 -16.45
CA ALA A 152 -8.25 -23.86 -15.62
C ALA A 152 -6.99 -24.16 -14.80
N ALA A 153 -6.44 -23.12 -14.16
CA ALA A 153 -5.36 -23.32 -13.15
C ALA A 153 -5.87 -24.24 -12.05
N ASN A 154 -7.15 -24.11 -11.68
CA ASN A 154 -7.73 -25.01 -10.65
C ASN A 154 -8.41 -26.21 -11.34
N GLU A 155 -7.86 -26.65 -12.46
CA GLU A 155 -8.24 -27.95 -13.06
C GLU A 155 -6.96 -28.70 -13.49
N THR A 156 -7.09 -30.00 -13.75
CA THR A 156 -5.92 -30.89 -13.93
C THR A 156 -6.01 -31.62 -15.25
N HIS A 157 -5.15 -31.27 -16.21
CA HIS A 157 -4.97 -32.07 -17.44
C HIS A 157 -4.88 -33.55 -17.03
N SER A 158 -5.90 -34.35 -17.35
CA SER A 158 -5.75 -35.79 -17.08
C SER A 158 -4.44 -36.39 -17.62
N GLY A 159 -3.84 -35.76 -18.64
CA GLY A 159 -2.54 -36.12 -19.19
C GLY A 159 -1.34 -35.57 -18.42
N ARG A 160 -1.54 -34.89 -17.28
CA ARG A 160 -0.46 -34.34 -16.44
C ARG A 160 0.27 -35.44 -15.67
N LYS A 161 1.58 -35.54 -15.87
CA LYS A 161 2.46 -36.59 -15.33
C LYS A 161 3.62 -35.98 -14.53
N THR A 162 4.12 -36.73 -13.55
CA THR A 162 5.02 -36.23 -12.50
C THR A 162 6.26 -37.11 -12.33
N ALA A 163 7.43 -36.51 -12.15
CA ALA A 163 8.71 -37.17 -11.90
C ALA A 163 9.45 -36.53 -10.72
N SER A 164 9.95 -37.35 -9.78
CA SER A 164 10.65 -36.88 -8.59
C SER A 164 12.15 -37.13 -8.70
N PHE A 165 12.93 -36.07 -8.61
CA PHE A 165 14.37 -36.09 -8.76
C PHE A 165 15.09 -35.80 -7.44
N THR A 166 16.15 -36.57 -7.21
CA THR A 166 17.01 -36.64 -6.02
C THR A 166 18.37 -37.14 -6.51
N VAL A 167 19.41 -37.12 -5.69
CA VAL A 167 20.73 -37.66 -6.10
C VAL A 167 20.66 -39.17 -6.44
N SER A 168 19.83 -39.93 -5.75
CA SER A 168 19.58 -41.36 -6.00
C SER A 168 18.57 -41.64 -7.12
N SER A 169 17.78 -40.66 -7.57
CA SER A 169 16.82 -40.80 -8.67
C SER A 169 17.52 -40.81 -10.03
N GLU A 170 16.85 -41.34 -11.05
CA GLU A 170 17.44 -41.78 -12.34
C GLU A 170 16.58 -41.34 -13.54
N LYS A 171 17.16 -41.42 -14.76
CA LYS A 171 16.48 -41.04 -16.01
C LYS A 171 15.13 -41.77 -16.14
N THR A 172 14.06 -41.00 -16.09
CA THR A 172 12.68 -41.45 -15.88
C THR A 172 11.90 -41.34 -17.17
N ILE A 173 11.11 -42.35 -17.52
CA ILE A 173 10.23 -42.31 -18.69
C ILE A 173 8.78 -42.19 -18.22
N LEU A 174 8.10 -41.13 -18.66
CA LEU A 174 6.68 -40.91 -18.42
C LEU A 174 5.88 -41.25 -19.68
N THR A 175 4.84 -42.06 -19.52
CA THR A 175 3.89 -42.38 -20.60
C THR A 175 2.82 -41.30 -20.66
N MET A 176 2.82 -40.50 -21.72
CA MET A 176 1.94 -39.35 -21.91
C MET A 176 0.55 -39.76 -22.45
N GLY A 177 -0.03 -40.84 -21.92
CA GLY A 177 -1.27 -41.43 -22.45
C GLY A 177 -1.11 -41.84 -23.91
N ASP A 178 -2.00 -41.36 -24.77
CA ASP A 178 -1.98 -41.63 -26.21
C ASP A 178 -0.80 -40.98 -26.95
N TYR A 179 -0.15 -39.97 -26.35
CA TYR A 179 0.87 -39.15 -26.99
C TYR A 179 2.27 -39.77 -26.93
N GLY A 180 2.39 -41.07 -26.67
CA GLY A 180 3.66 -41.78 -26.55
C GLY A 180 4.31 -41.63 -25.18
N ASP A 181 5.63 -41.48 -25.13
CA ASP A 181 6.42 -41.41 -23.90
C ASP A 181 7.57 -40.39 -24.01
N VAL A 182 7.97 -39.83 -22.87
CA VAL A 182 9.01 -38.79 -22.75
C VAL A 182 10.02 -39.17 -21.68
N SER A 183 11.31 -38.96 -21.96
CA SER A 183 12.41 -39.35 -21.09
C SER A 183 13.03 -38.13 -20.41
N LEU A 184 13.23 -38.16 -19.10
CA LEU A 184 13.58 -37.01 -18.27
C LEU A 184 14.78 -37.33 -17.37
N LEU A 185 15.78 -36.46 -17.30
CA LEU A 185 16.93 -36.60 -16.40
C LEU A 185 17.29 -35.24 -15.79
N CYS A 186 16.89 -34.99 -14.55
CA CYS A 186 17.13 -33.69 -13.90
C CYS A 186 18.27 -33.79 -12.87
N ARG A 187 19.27 -32.92 -13.02
CA ARG A 187 20.52 -32.93 -12.27
C ARG A 187 20.39 -32.08 -11.01
N VAL A 188 19.91 -32.66 -9.91
CA VAL A 188 19.66 -31.89 -8.67
C VAL A 188 20.92 -31.20 -8.13
N ALA A 189 22.09 -31.80 -8.36
CA ALA A 189 23.39 -31.23 -7.99
C ALA A 189 23.74 -29.95 -8.76
N SER A 190 23.15 -29.72 -9.95
CA SER A 190 23.25 -28.47 -10.71
C SER A 190 22.33 -27.36 -10.20
N GLY A 191 21.41 -27.66 -9.27
CA GLY A 191 20.39 -26.75 -8.77
C GLY A 191 20.86 -25.81 -7.64
N VAL A 192 20.02 -25.66 -6.61
CA VAL A 192 20.18 -24.68 -5.52
C VAL A 192 21.45 -24.91 -4.67
N ASP A 193 22.12 -23.83 -4.25
CA ASP A 193 23.24 -23.82 -3.29
C ASP A 193 22.74 -23.84 -1.83
N LEU A 194 22.16 -24.98 -1.43
CA LEU A 194 21.41 -25.15 -0.18
C LEU A 194 22.19 -24.79 1.11
N ALA A 195 23.51 -24.92 1.10
CA ALA A 195 24.37 -24.56 2.24
C ALA A 195 24.28 -23.09 2.66
N GLN A 196 23.90 -22.19 1.74
CA GLN A 196 23.70 -20.76 2.02
C GLN A 196 22.34 -20.43 2.67
N THR A 197 21.47 -21.42 2.90
CA THR A 197 20.06 -21.19 3.30
C THR A 197 19.75 -21.79 4.68
N VAL A 198 18.92 -21.09 5.45
CA VAL A 198 18.17 -21.66 6.57
C VAL A 198 16.68 -21.45 6.31
N ILE A 199 15.86 -22.49 6.50
CA ILE A 199 14.41 -22.31 6.61
C ILE A 199 14.15 -21.80 8.02
N LEU A 200 14.05 -20.49 8.18
CA LEU A 200 13.61 -19.88 9.44
C LEU A 200 12.12 -20.13 9.60
N GLU A 201 11.71 -20.58 10.78
CA GLU A 201 10.34 -20.85 11.17
C GLU A 201 10.03 -20.13 12.50
N LEU A 202 8.78 -19.69 12.71
CA LEU A 202 8.29 -19.17 13.99
C LEU A 202 7.25 -20.15 14.59
N ASP A 203 6.22 -19.67 15.28
CA ASP A 203 5.04 -20.48 15.54
C ASP A 203 4.31 -20.80 14.22
N LYS A 204 4.30 -22.08 13.80
CA LYS A 204 3.61 -22.52 12.57
C LYS A 204 2.13 -22.16 12.55
N THR A 205 1.49 -22.06 13.72
CA THR A 205 0.05 -21.89 13.86
C THR A 205 -0.42 -20.44 13.66
N SER A 206 0.50 -19.48 13.51
CA SER A 206 0.17 -18.07 13.30
C SER A 206 -0.62 -17.87 11.99
N GLU A 207 -1.89 -17.45 12.11
CA GLU A 207 -2.82 -17.41 10.97
C GLU A 207 -2.51 -16.30 9.98
N HIS A 208 -1.97 -15.18 10.46
CA HIS A 208 -1.64 -14.00 9.64
C HIS A 208 -0.14 -13.82 9.53
N LEU A 209 0.61 -14.88 9.27
CA LEU A 209 2.04 -14.83 8.95
C LEU A 209 2.44 -15.92 7.95
N PRO A 210 3.56 -15.72 7.22
CA PRO A 210 4.23 -16.80 6.52
C PRO A 210 4.53 -17.99 7.43
N THR A 211 4.55 -19.20 6.87
CA THR A 211 4.98 -20.40 7.61
C THR A 211 6.48 -20.46 7.83
N ALA A 212 7.28 -19.90 6.92
CA ALA A 212 8.72 -19.86 7.00
C ALA A 212 9.34 -18.78 6.11
N TRP A 213 10.63 -18.53 6.29
CA TRP A 213 11.42 -17.58 5.53
C TRP A 213 12.74 -18.21 5.10
N GLN A 214 13.17 -17.97 3.88
CA GLN A 214 14.43 -18.46 3.32
C GLN A 214 15.53 -17.44 3.63
N VAL A 215 16.07 -17.47 4.84
CA VAL A 215 17.14 -16.55 5.28
C VAL A 215 18.52 -17.07 4.91
N HIS A 216 19.51 -16.18 4.87
CA HIS A 216 20.91 -16.53 4.63
C HIS A 216 21.53 -17.24 5.83
N ARG A 217 22.52 -18.11 5.58
CA ARG A 217 23.16 -18.95 6.59
C ARG A 217 23.86 -18.16 7.67
N ASP A 218 24.65 -17.16 7.30
CA ASP A 218 25.38 -16.36 8.27
C ASP A 218 24.45 -15.46 9.07
N TRP A 219 23.48 -14.82 8.42
CA TRP A 219 22.52 -13.97 9.11
C TRP A 219 21.82 -14.70 10.25
N PHE A 220 21.44 -15.97 10.06
CA PHE A 220 20.81 -16.72 11.13
C PHE A 220 21.74 -16.99 12.30
N ASN A 221 23.05 -17.13 12.07
CA ASN A 221 24.02 -17.28 13.16
C ASN A 221 24.33 -15.95 13.86
N ASP A 222 24.18 -14.83 13.16
CA ASP A 222 24.50 -13.49 13.65
C ASP A 222 23.41 -12.85 14.54
N LEU A 223 22.21 -13.41 14.68
CA LEU A 223 21.15 -12.77 15.48
C LEU A 223 21.55 -12.58 16.95
N ALA A 224 21.32 -11.38 17.46
CA ALA A 224 21.42 -11.04 18.88
C ALA A 224 20.12 -11.40 19.62
N LEU A 225 19.94 -12.69 19.89
CA LEU A 225 18.88 -13.25 20.75
C LEU A 225 19.46 -14.35 21.65
N PRO A 226 18.78 -14.77 22.73
CA PRO A 226 19.11 -15.96 23.48
C PRO A 226 18.89 -17.19 22.62
N TRP A 227 19.74 -18.21 22.73
CA TRP A 227 19.67 -19.35 21.81
C TRP A 227 20.15 -20.66 22.36
N LYS A 228 19.76 -21.76 21.73
CA LYS A 228 20.24 -23.10 22.07
C LYS A 228 20.19 -24.06 20.88
N HIS A 229 20.98 -25.12 20.91
CA HIS A 229 20.79 -26.25 19.99
C HIS A 229 19.68 -27.18 20.46
N GLU A 230 19.21 -28.01 19.54
CA GLU A 230 18.03 -28.85 19.66
C GLU A 230 18.00 -29.65 20.97
N GLY A 231 16.90 -29.54 21.72
CA GLY A 231 16.63 -30.39 22.90
C GLY A 231 17.39 -30.04 24.18
N ALA A 232 18.34 -29.09 24.13
CA ALA A 232 18.95 -28.51 25.34
C ALA A 232 17.88 -27.88 26.25
N GLN A 233 18.09 -27.86 27.56
CA GLN A 233 17.08 -27.41 28.54
C GLN A 233 17.27 -25.96 29.04
N ASN A 234 18.31 -25.25 28.58
CA ASN A 234 18.65 -23.88 29.01
C ASN A 234 19.17 -23.05 27.83
N TRP A 235 19.10 -21.72 27.95
CA TRP A 235 19.38 -20.79 26.86
C TRP A 235 20.73 -20.11 27.03
N ASN A 236 21.55 -20.14 25.99
CA ASN A 236 22.76 -19.35 25.90
C ASN A 236 22.38 -17.88 25.75
N ASN A 237 23.18 -16.97 26.26
CA ASN A 237 23.06 -15.52 26.06
C ASN A 237 21.68 -14.92 26.44
N ALA A 238 21.03 -15.44 27.46
CA ALA A 238 19.73 -14.95 27.95
C ALA A 238 19.76 -13.50 28.45
N GLU A 239 20.94 -12.90 28.64
CA GLU A 239 21.14 -11.47 28.84
C GLU A 239 20.49 -10.62 27.74
N ARG A 240 20.39 -11.16 26.52
CA ARG A 240 19.90 -10.45 25.35
C ARG A 240 18.41 -10.12 25.40
N LEU A 241 17.66 -10.63 26.36
CA LEU A 241 16.25 -10.25 26.61
C LEU A 241 16.00 -9.74 28.03
N VAL A 242 17.06 -9.43 28.78
CA VAL A 242 16.94 -8.93 30.15
C VAL A 242 17.85 -7.74 30.37
N GLU A 243 17.27 -6.65 30.85
CA GLU A 243 18.00 -5.49 31.35
C GLU A 243 17.92 -5.46 32.88
N PHE A 244 18.99 -5.10 33.55
CA PHE A 244 18.97 -4.88 35.00
C PHE A 244 19.01 -3.37 35.27
N GLY A 245 18.13 -2.89 36.13
CA GLY A 245 18.12 -1.50 36.56
C GLY A 245 19.40 -1.07 37.28
N ALA A 246 19.49 0.22 37.58
CA ALA A 246 20.47 0.71 38.55
C ALA A 246 20.08 0.22 39.96
N PRO A 247 21.04 -0.17 40.81
CA PRO A 247 20.75 -0.60 42.17
C PRO A 247 20.42 0.58 43.11
N HIS A 248 19.51 0.34 44.04
CA HIS A 248 19.13 1.29 45.07
C HIS A 248 19.19 0.61 46.44
N ALA A 249 20.17 0.99 47.27
CA ALA A 249 20.47 0.34 48.55
C ALA A 249 20.68 -1.18 48.39
N VAL A 250 19.77 -1.98 48.95
CA VAL A 250 19.80 -3.45 48.96
C VAL A 250 19.01 -4.09 47.81
N LYS A 251 18.52 -3.30 46.84
CA LYS A 251 17.67 -3.76 45.73
C LYS A 251 18.26 -3.43 44.37
N MET A 252 17.95 -4.26 43.39
CA MET A 252 18.14 -3.99 41.97
C MET A 252 17.00 -4.63 41.20
N ASP A 253 16.58 -3.99 40.12
CA ASP A 253 15.40 -4.38 39.35
C ASP A 253 15.79 -5.22 38.14
N VAL A 254 15.04 -6.28 37.87
CA VAL A 254 15.20 -7.06 36.64
C VAL A 254 14.06 -6.72 35.71
N TYR A 255 14.40 -6.28 34.51
CA TYR A 255 13.47 -5.86 33.48
C TYR A 255 13.47 -6.82 32.30
N ASN A 256 12.31 -7.42 32.06
CA ASN A 256 12.06 -8.29 30.93
C ASN A 256 11.85 -7.43 29.67
N LEU A 257 12.77 -7.51 28.70
CA LEU A 257 12.85 -6.60 27.57
C LEU A 257 11.73 -6.78 26.51
N GLY A 258 10.69 -7.53 26.83
CA GLY A 258 9.52 -7.77 25.99
C GLY A 258 9.75 -8.65 24.76
N ASP A 259 8.65 -8.99 24.11
CA ASP A 259 8.60 -9.88 22.96
C ASP A 259 9.24 -9.28 21.71
N HIS A 260 10.33 -9.89 21.25
CA HIS A 260 11.08 -9.53 20.05
C HIS A 260 10.52 -10.12 18.75
N THR A 261 9.33 -10.73 18.74
CA THR A 261 8.67 -11.19 17.52
C THR A 261 8.61 -10.11 16.45
N GLY A 262 8.02 -8.94 16.74
CA GLY A 262 7.98 -7.82 15.81
C GLY A 262 9.35 -7.28 15.40
N VAL A 263 10.35 -7.38 16.27
CA VAL A 263 11.73 -6.96 15.99
C VAL A 263 12.32 -7.84 14.89
N LEU A 264 12.12 -9.16 15.00
CA LEU A 264 12.53 -10.11 13.98
C LEU A 264 11.76 -9.89 12.68
N LEU A 265 10.43 -9.88 12.72
CA LEU A 265 9.60 -9.66 11.53
C LEU A 265 9.98 -8.39 10.76
N LYS A 266 10.20 -7.27 11.44
CA LYS A 266 10.72 -6.03 10.82
C LYS A 266 12.07 -6.23 10.11
N SER A 267 12.95 -7.08 10.63
CA SER A 267 14.25 -7.37 10.02
C SER A 267 14.20 -8.38 8.86
N LEU A 268 13.13 -9.16 8.74
CA LEU A 268 12.87 -10.09 7.62
C LEU A 268 12.32 -9.37 6.38
N ALA A 269 12.99 -8.29 5.97
CA ALA A 269 12.62 -7.42 4.84
C ALA A 269 13.46 -7.76 3.61
N GLY A 270 12.81 -7.95 2.45
CA GLY A 270 13.48 -8.42 1.22
C GLY A 270 13.84 -9.91 1.24
N VAL A 271 13.21 -10.69 2.11
CA VAL A 271 13.47 -12.12 2.36
C VAL A 271 12.37 -12.97 1.72
N PRO A 272 12.69 -13.97 0.87
CA PRO A 272 11.68 -14.85 0.28
C PRO A 272 11.00 -15.72 1.33
N VAL A 273 9.69 -15.83 1.26
CA VAL A 273 8.91 -16.79 2.07
C VAL A 273 9.23 -18.23 1.65
N ALA A 274 8.98 -19.19 2.53
CA ALA A 274 9.01 -20.62 2.26
C ALA A 274 7.76 -21.28 2.86
N HIS A 275 7.32 -22.40 2.30
CA HIS A 275 6.04 -23.01 2.64
C HIS A 275 6.23 -24.29 3.46
N ILE A 276 5.40 -24.51 4.46
CA ILE A 276 5.40 -25.75 5.25
C ILE A 276 4.05 -26.44 5.11
N ASP A 277 4.06 -27.66 4.58
CA ASP A 277 2.91 -28.53 4.45
C ASP A 277 3.08 -29.74 5.38
N GLY A 278 2.67 -29.57 6.64
CA GLY A 278 2.90 -30.56 7.70
C GLY A 278 4.39 -30.85 7.89
N THR A 279 4.84 -32.03 7.50
CA THR A 279 6.25 -32.46 7.54
C THR A 279 7.08 -32.00 6.35
N LYS A 280 6.47 -31.49 5.27
CA LYS A 280 7.19 -31.11 4.06
C LYS A 280 7.56 -29.63 4.10
N TYR A 281 8.85 -29.34 3.98
CA TYR A 281 9.37 -27.99 3.99
C TYR A 281 9.77 -27.63 2.56
N HIS A 282 9.09 -26.66 1.94
CA HIS A 282 9.23 -26.31 0.53
C HIS A 282 9.99 -25.01 0.32
N LEU A 283 10.95 -24.99 -0.59
CA LEU A 283 11.44 -23.73 -1.16
C LEU A 283 10.40 -23.14 -2.13
N LYS A 284 10.40 -21.81 -2.26
CA LYS A 284 9.58 -21.06 -3.24
C LYS A 284 10.41 -20.27 -4.27
N SER A 285 11.73 -20.40 -4.23
CA SER A 285 12.64 -20.04 -5.34
C SER A 285 13.73 -21.09 -5.47
N GLY A 286 14.16 -21.35 -6.72
CA GLY A 286 15.12 -22.40 -7.05
C GLY A 286 14.86 -23.04 -8.41
N HIS A 287 15.87 -23.72 -8.93
CA HIS A 287 15.90 -24.21 -10.31
C HIS A 287 16.75 -25.48 -10.45
N VAL A 288 16.52 -26.23 -11.53
CA VAL A 288 17.30 -27.41 -11.88
C VAL A 288 17.63 -27.42 -13.37
N THR A 289 18.87 -27.77 -13.74
CA THR A 289 19.16 -28.14 -15.12
C THR A 289 18.63 -29.54 -15.40
N CYS A 290 17.82 -29.71 -16.45
CA CYS A 290 17.17 -30.98 -16.75
C CYS A 290 17.19 -31.32 -18.24
N GLU A 291 17.29 -32.61 -18.57
CA GLU A 291 17.42 -33.09 -19.94
C GLU A 291 16.23 -33.96 -20.36
N VAL A 292 15.55 -33.56 -21.43
CA VAL A 292 14.26 -34.09 -21.88
C VAL A 292 14.42 -34.77 -23.24
N GLY A 293 13.73 -35.88 -23.49
CA GLY A 293 13.83 -36.61 -24.75
C GLY A 293 12.47 -36.99 -25.34
N LEU A 294 12.30 -36.64 -26.61
CA LEU A 294 11.04 -36.63 -27.35
C LEU A 294 10.91 -37.84 -28.31
N GLU A 295 11.93 -38.69 -28.38
CA GLU A 295 12.05 -39.83 -29.30
C GLU A 295 10.84 -40.76 -29.35
N LYS A 296 10.16 -40.99 -28.22
CA LYS A 296 9.00 -41.88 -28.10
C LYS A 296 7.67 -41.15 -28.01
N LEU A 297 7.63 -39.82 -28.15
CA LEU A 297 6.37 -39.09 -28.28
C LEU A 297 5.73 -39.36 -29.66
N LYS A 298 4.39 -39.38 -29.71
CA LYS A 298 3.61 -39.68 -30.92
C LYS A 298 2.47 -38.67 -31.06
N MET A 299 2.25 -38.12 -32.25
CA MET A 299 1.05 -37.31 -32.50
C MET A 299 -0.18 -38.21 -32.62
N LYS A 300 -1.26 -37.89 -31.91
CA LYS A 300 -2.52 -38.61 -32.04
C LYS A 300 -3.19 -38.33 -33.40
N GLY A 301 -3.99 -39.26 -33.90
CA GLY A 301 -5.07 -38.99 -34.86
C GLY A 301 -4.70 -38.39 -36.21
N LEU A 302 -3.44 -38.46 -36.64
CA LEU A 302 -2.99 -38.00 -37.98
C LEU A 302 -3.76 -38.67 -39.14
N THR A 303 -4.36 -39.83 -38.89
CA THR A 303 -5.20 -40.59 -39.82
C THR A 303 -6.62 -40.04 -39.95
N TYR A 304 -7.08 -39.17 -39.06
CA TYR A 304 -8.45 -38.63 -39.10
C TYR A 304 -8.71 -37.78 -40.34
N THR A 305 -9.96 -37.71 -40.76
CA THR A 305 -10.46 -36.75 -41.75
C THR A 305 -10.36 -35.31 -41.23
N MET A 306 -10.32 -34.32 -42.11
CA MET A 306 -10.63 -32.94 -41.68
C MET A 306 -12.08 -32.89 -41.22
N CYS A 307 -12.38 -32.19 -40.12
CA CYS A 307 -13.76 -31.90 -39.75
C CYS A 307 -14.43 -31.02 -40.83
N ASP A 308 -15.75 -31.10 -40.95
CA ASP A 308 -16.51 -30.31 -41.92
C ASP A 308 -16.38 -28.81 -41.65
N LYS A 309 -15.76 -28.07 -42.57
CA LYS A 309 -15.49 -26.63 -42.41
C LYS A 309 -16.72 -25.82 -42.02
N THR A 310 -17.92 -26.25 -42.42
CA THR A 310 -19.17 -25.55 -42.16
C THR A 310 -19.70 -25.71 -40.74
N LYS A 311 -19.20 -26.68 -39.95
CA LYS A 311 -19.82 -27.10 -38.68
C LYS A 311 -19.15 -26.57 -37.41
N PHE A 312 -18.15 -25.71 -37.53
CA PHE A 312 -17.53 -25.01 -36.41
C PHE A 312 -18.34 -23.81 -35.89
N THR A 313 -18.10 -23.46 -34.64
CA THR A 313 -18.50 -22.23 -33.92
C THR A 313 -17.35 -21.78 -33.01
N TRP A 314 -17.21 -20.48 -32.69
CA TRP A 314 -16.30 -20.06 -31.62
C TRP A 314 -16.93 -20.35 -30.26
N LYS A 315 -16.17 -21.02 -29.38
CA LYS A 315 -16.46 -21.09 -27.93
C LYS A 315 -15.68 -20.02 -27.16
N ARG A 316 -14.44 -19.76 -27.59
CA ARG A 316 -13.58 -18.65 -27.19
C ARG A 316 -12.97 -18.03 -28.44
N ILE A 317 -13.42 -16.84 -28.78
CA ILE A 317 -12.96 -16.04 -29.93
C ILE A 317 -11.44 -15.81 -29.85
N PRO A 318 -10.69 -15.70 -30.96
CA PRO A 318 -9.26 -15.47 -30.92
C PRO A 318 -8.90 -14.27 -30.06
N THR A 319 -8.04 -14.52 -29.08
CA THR A 319 -7.72 -13.62 -28.00
C THR A 319 -6.22 -13.64 -27.78
N ASP A 320 -5.61 -12.51 -27.50
CA ASP A 320 -4.18 -12.44 -27.21
C ASP A 320 -3.90 -13.12 -25.88
N SER A 321 -2.92 -14.02 -25.80
CA SER A 321 -2.50 -14.64 -24.55
C SER A 321 -1.70 -13.70 -23.63
N GLY A 322 -1.17 -12.61 -24.18
CA GLY A 322 -0.20 -11.74 -23.50
C GLY A 322 1.25 -12.17 -23.71
N HIS A 323 1.50 -13.43 -24.06
CA HIS A 323 2.72 -13.82 -24.79
C HIS A 323 2.56 -13.40 -26.27
N ASP A 324 3.51 -13.68 -27.15
CA ASP A 324 3.38 -13.30 -28.57
C ASP A 324 2.29 -14.11 -29.33
N THR A 325 1.62 -15.03 -28.65
CA THR A 325 0.71 -16.02 -29.22
C THR A 325 -0.75 -15.65 -29.05
N VAL A 326 -1.52 -15.91 -30.09
CA VAL A 326 -2.99 -15.87 -30.08
C VAL A 326 -3.49 -17.21 -29.55
N VAL A 327 -4.60 -17.19 -28.82
CA VAL A 327 -5.28 -18.41 -28.36
C VAL A 327 -6.76 -18.35 -28.71
N MET A 328 -7.39 -19.49 -28.88
CA MET A 328 -8.81 -19.61 -29.23
C MET A 328 -9.35 -20.99 -28.86
N GLU A 329 -10.67 -21.14 -28.81
CA GLU A 329 -11.32 -22.42 -28.67
C GLU A 329 -12.54 -22.51 -29.58
N VAL A 330 -12.65 -23.58 -30.36
CA VAL A 330 -13.75 -23.84 -31.28
C VAL A 330 -14.59 -25.01 -30.83
N ALA A 331 -15.88 -24.97 -31.10
CA ALA A 331 -16.81 -26.07 -30.85
C ALA A 331 -17.44 -26.54 -32.18
N PHE A 332 -17.35 -27.84 -32.45
CA PHE A 332 -17.85 -28.49 -33.66
C PHE A 332 -19.15 -29.23 -33.36
N SER A 333 -20.16 -29.14 -34.23
CA SER A 333 -21.52 -29.61 -33.90
C SER A 333 -21.68 -31.14 -33.82
N GLY A 334 -20.84 -31.91 -34.52
CA GLY A 334 -20.77 -33.38 -34.38
C GLY A 334 -19.87 -33.84 -33.22
N THR A 335 -19.59 -35.14 -33.17
CA THR A 335 -18.68 -35.77 -32.17
C THR A 335 -17.52 -36.52 -32.83
N LYS A 336 -17.28 -36.26 -34.11
CA LYS A 336 -16.30 -36.96 -34.95
C LYS A 336 -14.87 -36.73 -34.47
N PRO A 337 -14.04 -37.78 -34.37
CA PRO A 337 -12.59 -37.62 -34.36
C PRO A 337 -12.14 -37.00 -35.69
N CYS A 338 -11.45 -35.88 -35.64
CA CYS A 338 -11.15 -35.01 -36.78
C CYS A 338 -9.80 -34.34 -36.64
N ARG A 339 -9.13 -34.04 -37.75
CA ARG A 339 -8.18 -32.92 -37.80
C ARG A 339 -8.97 -31.62 -37.92
N ILE A 340 -8.41 -30.51 -37.43
CA ILE A 340 -9.02 -29.19 -37.60
C ILE A 340 -8.31 -28.47 -38.76
N PRO A 341 -9.05 -27.96 -39.76
CA PRO A 341 -8.49 -27.12 -40.83
C PRO A 341 -8.23 -25.70 -40.31
N VAL A 342 -7.09 -25.50 -39.66
CA VAL A 342 -6.65 -24.21 -39.11
C VAL A 342 -5.61 -23.59 -40.01
N ARG A 343 -5.80 -22.33 -40.38
CA ARG A 343 -4.83 -21.53 -41.12
C ARG A 343 -4.96 -20.06 -40.77
N ALA A 344 -3.95 -19.27 -41.06
CA ALA A 344 -4.03 -17.82 -41.01
C ALA A 344 -3.30 -17.23 -42.21
N VAL A 345 -3.77 -16.12 -42.77
CA VAL A 345 -3.22 -15.51 -43.98
C VAL A 345 -3.07 -14.01 -43.78
N ALA A 346 -1.95 -13.44 -44.19
CA ALA A 346 -1.70 -12.01 -44.04
C ALA A 346 -2.63 -11.16 -44.94
N HIS A 347 -2.95 -9.92 -44.54
CA HIS A 347 -3.37 -8.87 -45.47
C HIS A 347 -2.13 -8.38 -46.25
N GLY A 348 -1.67 -9.22 -47.17
CA GLY A 348 -0.43 -9.10 -47.93
C GLY A 348 -0.34 -10.21 -48.98
N SER A 349 0.42 -11.27 -48.71
CA SER A 349 0.42 -12.50 -49.50
C SER A 349 -0.96 -13.19 -49.44
N PRO A 350 -1.75 -13.29 -50.53
CA PRO A 350 -3.19 -13.55 -50.43
C PRO A 350 -3.64 -14.96 -50.02
N ASP A 351 -2.77 -15.98 -50.06
CA ASP A 351 -3.15 -17.37 -49.75
C ASP A 351 -2.10 -18.17 -48.93
N VAL A 352 -0.90 -17.65 -48.69
CA VAL A 352 0.15 -18.37 -47.92
C VAL A 352 -0.25 -18.51 -46.46
N ASN A 353 -0.30 -19.73 -45.91
CA ASN A 353 -0.57 -19.95 -44.50
C ASN A 353 0.63 -19.52 -43.61
N VAL A 354 0.36 -18.70 -42.60
CA VAL A 354 1.33 -18.17 -41.62
C VAL A 354 0.99 -18.53 -40.17
N ALA A 355 -0.02 -19.38 -39.93
CA ALA A 355 -0.37 -19.87 -38.60
C ALA A 355 0.70 -20.81 -38.04
N MET A 356 1.69 -20.27 -37.35
CA MET A 356 2.75 -21.03 -36.69
C MET A 356 2.21 -21.65 -35.39
N LEU A 357 1.59 -22.83 -35.48
CA LEU A 357 0.88 -23.42 -34.35
C LEU A 357 1.85 -23.83 -33.23
N ILE A 358 1.55 -23.39 -32.01
CA ILE A 358 2.17 -23.89 -30.79
C ILE A 358 1.45 -25.17 -30.32
N THR A 359 0.18 -25.33 -30.70
CA THR A 359 -0.58 -26.59 -30.63
C THR A 359 -0.55 -27.29 -32.00
N PRO A 360 0.52 -28.02 -32.39
CA PRO A 360 0.65 -28.63 -33.72
C PRO A 360 -0.34 -29.77 -33.93
N ASN A 361 -0.71 -30.00 -35.19
CA ASN A 361 -1.72 -30.98 -35.62
C ASN A 361 -2.99 -30.96 -34.74
N PRO A 362 -3.70 -29.82 -34.66
CA PRO A 362 -4.88 -29.70 -33.83
C PRO A 362 -5.97 -30.63 -34.33
N ILE A 363 -6.61 -31.31 -33.38
CA ILE A 363 -7.57 -32.38 -33.62
C ILE A 363 -8.73 -32.22 -32.66
N ILE A 364 -9.95 -32.51 -33.10
CA ILE A 364 -11.11 -32.66 -32.22
C ILE A 364 -11.36 -34.14 -31.99
N GLU A 365 -11.80 -34.47 -30.79
CA GLU A 365 -12.29 -35.79 -30.40
C GLU A 365 -13.57 -35.64 -29.58
N ASN A 366 -14.29 -36.72 -29.35
CA ASN A 366 -15.47 -36.65 -28.50
C ASN A 366 -15.09 -36.12 -27.11
N ASN A 367 -15.70 -35.00 -26.69
CA ASN A 367 -15.39 -34.27 -25.46
C ASN A 367 -13.93 -33.76 -25.33
N GLY A 368 -13.25 -33.38 -26.42
CA GLY A 368 -11.91 -32.77 -26.35
C GLY A 368 -11.41 -32.12 -27.64
N GLY A 369 -10.28 -31.42 -27.55
CA GLY A 369 -9.50 -30.98 -28.72
C GLY A 369 -9.79 -29.58 -29.30
N GLY A 370 -10.81 -28.86 -28.82
CA GLY A 370 -11.21 -27.57 -29.40
C GLY A 370 -10.23 -26.38 -29.28
N PHE A 371 -9.28 -26.39 -28.33
CA PHE A 371 -8.37 -25.28 -28.07
C PHE A 371 -7.19 -25.24 -29.04
N ILE A 372 -6.77 -24.05 -29.48
CA ILE A 372 -5.62 -23.84 -30.38
C ILE A 372 -4.80 -22.65 -29.89
N GLU A 373 -3.47 -22.73 -29.97
CA GLU A 373 -2.56 -21.61 -29.76
C GLU A 373 -1.61 -21.48 -30.94
N MET A 374 -1.36 -20.26 -31.40
CA MET A 374 -0.49 -19.97 -32.54
C MET A 374 0.28 -18.67 -32.38
N GLN A 375 1.46 -18.58 -32.97
CA GLN A 375 2.15 -17.32 -33.23
C GLN A 375 1.81 -16.83 -34.65
N LEU A 376 1.84 -15.51 -34.87
CA LEU A 376 1.53 -14.88 -36.17
C LEU A 376 2.53 -13.75 -36.49
N PRO A 377 2.73 -13.41 -37.77
CA PRO A 377 3.53 -12.27 -38.18
C PRO A 377 2.80 -10.93 -37.90
N PRO A 378 3.52 -9.85 -37.56
CA PRO A 378 2.94 -8.53 -37.28
C PRO A 378 2.11 -7.94 -38.43
N GLY A 379 1.22 -7.00 -38.09
CA GLY A 379 0.26 -6.40 -39.02
C GLY A 379 -1.05 -7.18 -39.10
N ASP A 380 -1.91 -6.84 -40.05
CA ASP A 380 -3.20 -7.51 -40.21
C ASP A 380 -3.08 -8.91 -40.83
N ASN A 381 -3.89 -9.83 -40.31
CA ASN A 381 -4.07 -11.19 -40.77
C ASN A 381 -5.56 -11.54 -40.76
N ILE A 382 -5.96 -12.64 -41.40
CA ILE A 382 -7.21 -13.33 -41.09
C ILE A 382 -6.85 -14.72 -40.58
N ILE A 383 -7.40 -15.11 -39.44
CA ILE A 383 -7.38 -16.48 -38.91
C ILE A 383 -8.61 -17.19 -39.46
N TYR A 384 -8.46 -18.43 -39.90
CA TYR A 384 -9.56 -19.28 -40.37
C TYR A 384 -9.55 -20.63 -39.65
N VAL A 385 -10.73 -21.11 -39.27
CA VAL A 385 -10.93 -22.45 -38.73
C VAL A 385 -12.13 -23.07 -39.44
N GLY A 386 -11.91 -23.54 -40.66
CA GLY A 386 -12.98 -23.85 -41.59
C GLY A 386 -13.68 -22.59 -42.09
N GLU A 387 -15.01 -22.55 -41.98
CA GLU A 387 -15.82 -21.38 -42.30
C GLU A 387 -15.77 -20.28 -41.22
N LEU A 388 -15.27 -20.57 -40.01
CA LEU A 388 -14.95 -19.51 -39.05
C LEU A 388 -13.80 -18.68 -39.59
N SER A 389 -13.92 -17.38 -39.46
CA SER A 389 -12.89 -16.40 -39.78
C SER A 389 -12.84 -15.33 -38.69
N HIS A 390 -11.69 -14.68 -38.56
CA HIS A 390 -11.47 -13.61 -37.59
C HIS A 390 -10.29 -12.76 -38.04
N GLN A 391 -10.50 -11.48 -38.35
CA GLN A 391 -9.40 -10.58 -38.65
C GLN A 391 -8.55 -10.37 -37.40
N TRP A 392 -7.24 -10.24 -37.54
CA TRP A 392 -6.32 -10.14 -36.42
C TRP A 392 -5.19 -9.16 -36.70
N PHE A 393 -5.17 -8.01 -36.03
CA PHE A 393 -3.98 -7.17 -36.04
C PHE A 393 -2.98 -7.68 -35.01
N GLN A 394 -1.79 -8.07 -35.46
CA GLN A 394 -0.70 -8.56 -34.61
C GLN A 394 0.28 -7.44 -34.31
N LYS A 395 0.60 -7.26 -33.03
CA LYS A 395 1.48 -6.20 -32.49
C LYS A 395 2.92 -6.31 -33.01
N GLY A 396 3.62 -5.19 -33.12
CA GLY A 396 5.02 -5.13 -33.58
C GLY A 396 5.62 -3.72 -33.60
N SER B 1 -25.92 9.78 -59.19
CA SER B 1 -25.56 8.77 -58.18
C SER B 1 -25.21 9.47 -56.86
N ARG B 2 -25.17 8.74 -55.75
CA ARG B 2 -25.05 9.33 -54.42
C ARG B 2 -23.82 10.21 -54.23
N CYS B 3 -22.68 9.98 -54.87
CA CYS B 3 -21.52 10.85 -54.66
C CYS B 3 -21.69 12.28 -55.24
N THR B 4 -22.69 12.59 -56.07
CA THR B 4 -23.02 14.00 -56.38
C THR B 4 -23.66 14.75 -55.20
N HIS B 5 -24.21 13.99 -54.24
CA HIS B 5 -25.06 14.58 -53.17
C HIS B 5 -24.19 15.10 -52.03
N LEU B 6 -22.88 14.90 -52.12
CA LEU B 6 -21.90 15.40 -51.17
C LEU B 6 -21.08 16.52 -51.76
N GLU B 7 -20.82 17.54 -50.95
CA GLU B 7 -19.83 18.58 -51.23
C GLU B 7 -18.38 18.09 -51.01
N ASN B 8 -18.19 16.77 -50.92
CA ASN B 8 -16.94 16.07 -50.65
C ASN B 8 -16.94 14.69 -51.32
N ARG B 9 -16.09 14.50 -52.34
CA ARG B 9 -16.06 13.35 -53.25
C ARG B 9 -14.63 13.12 -53.72
N ASP B 10 -14.28 11.88 -54.03
CA ASP B 10 -13.02 11.53 -54.67
C ASP B 10 -13.22 10.57 -55.84
N PHE B 11 -12.30 10.59 -56.79
CA PHE B 11 -12.34 9.81 -58.02
C PHE B 11 -11.16 8.86 -58.11
N VAL B 12 -11.43 7.61 -58.46
CA VAL B 12 -10.41 6.56 -58.55
C VAL B 12 -10.42 5.88 -59.92
N THR B 13 -9.24 5.58 -60.45
CA THR B 13 -9.08 4.83 -61.72
C THR B 13 -9.16 3.31 -61.48
N THR B 19 -6.99 -5.22 -61.17
CA THR B 19 -8.45 -5.10 -61.02
C THR B 19 -8.89 -4.92 -59.56
N ARG B 20 -7.97 -5.05 -58.59
CA ARG B 20 -8.24 -4.74 -57.19
C ARG B 20 -7.72 -3.36 -56.85
N VAL B 21 -8.57 -2.55 -56.25
CA VAL B 21 -8.36 -1.13 -55.97
C VAL B 21 -8.37 -0.91 -54.46
N THR B 22 -7.46 -0.09 -53.94
CA THR B 22 -7.34 0.22 -52.51
C THR B 22 -7.90 1.61 -52.20
N LEU B 23 -8.80 1.68 -51.22
CA LEU B 23 -9.52 2.88 -50.80
C LEU B 23 -9.31 3.16 -49.32
N VAL B 24 -9.46 4.43 -48.91
CA VAL B 24 -9.60 4.83 -47.51
C VAL B 24 -10.95 5.51 -47.36
N LEU B 25 -12.00 4.73 -47.13
CA LEU B 25 -13.36 5.24 -47.07
C LEU B 25 -13.60 6.00 -45.77
N GLU B 26 -14.23 7.15 -45.82
CA GLU B 26 -14.51 7.98 -44.65
C GLU B 26 -16.00 8.24 -44.48
N LEU B 27 -16.47 8.35 -43.25
CA LEU B 27 -17.80 8.86 -42.96
C LEU B 27 -17.89 10.32 -43.44
N GLY B 28 -18.95 10.66 -44.17
CA GLY B 28 -19.09 11.97 -44.81
C GLY B 28 -18.20 12.19 -46.05
N GLY B 29 -17.51 11.15 -46.52
CA GLY B 29 -16.87 11.10 -47.83
C GLY B 29 -17.63 10.21 -48.80
N CYS B 30 -17.19 10.18 -50.05
CA CYS B 30 -17.69 9.24 -51.06
C CYS B 30 -16.63 9.04 -52.15
N VAL B 31 -16.56 7.85 -52.74
CA VAL B 31 -15.65 7.54 -53.84
C VAL B 31 -16.43 7.14 -55.07
N THR B 32 -16.15 7.74 -56.22
CA THR B 32 -16.56 7.20 -57.53
C THR B 32 -15.37 6.47 -58.13
N ILE B 33 -15.52 5.18 -58.39
CA ILE B 33 -14.51 4.31 -58.99
C ILE B 33 -14.83 4.12 -60.47
N THR B 34 -13.84 4.31 -61.32
CA THR B 34 -13.90 4.17 -62.78
C THR B 34 -12.78 3.25 -63.24
N ALA B 35 -12.99 2.44 -64.28
CA ALA B 35 -11.96 1.58 -64.85
C ALA B 35 -12.23 1.30 -66.34
N GLU B 36 -11.19 1.00 -67.11
CA GLU B 36 -11.29 0.81 -68.55
C GLU B 36 -12.20 -0.37 -68.89
N GLY B 37 -13.34 -0.10 -69.53
CA GLY B 37 -14.30 -1.13 -69.93
C GLY B 37 -15.11 -1.75 -68.80
N LYS B 38 -15.09 -1.18 -67.59
CA LYS B 38 -15.94 -1.60 -66.45
C LYS B 38 -16.94 -0.50 -66.09
N PRO B 39 -18.19 -0.82 -65.74
CA PRO B 39 -19.15 0.19 -65.27
C PRO B 39 -18.64 0.83 -63.99
N SER B 40 -18.72 2.15 -63.88
CA SER B 40 -18.28 2.88 -62.69
C SER B 40 -19.22 2.65 -61.51
N MET B 41 -18.69 2.80 -60.31
CA MET B 41 -19.37 2.51 -59.03
C MET B 41 -19.18 3.67 -58.07
N ASP B 42 -20.20 3.99 -57.29
CA ASP B 42 -20.04 4.80 -56.09
C ASP B 42 -19.93 3.89 -54.87
N VAL B 43 -18.91 4.10 -54.04
CA VAL B 43 -18.59 3.29 -52.85
C VAL B 43 -18.36 4.21 -51.66
N TRP B 44 -19.05 3.98 -50.55
CA TRP B 44 -18.91 4.82 -49.35
C TRP B 44 -19.11 4.05 -48.05
N LEU B 45 -18.40 4.48 -47.00
CA LEU B 45 -18.63 4.09 -45.63
C LEU B 45 -19.89 4.77 -45.12
N ASP B 46 -20.96 4.01 -44.99
CA ASP B 46 -22.28 4.48 -44.62
C ASP B 46 -22.38 4.75 -43.11
N SER B 47 -21.83 3.89 -42.27
CA SER B 47 -21.91 3.98 -40.81
C SER B 47 -20.81 3.18 -40.13
N ILE B 48 -20.42 3.57 -38.92
CA ILE B 48 -19.68 2.74 -37.97
C ILE B 48 -20.50 2.68 -36.69
N TYR B 49 -20.91 1.52 -36.21
CA TYR B 49 -21.77 1.44 -35.03
C TYR B 49 -21.56 0.18 -34.20
N GLN B 50 -22.09 0.17 -32.98
CA GLN B 50 -22.21 -1.03 -32.15
C GLN B 50 -23.55 -1.04 -31.44
N GLU B 51 -24.19 -2.19 -31.34
CA GLU B 51 -25.34 -2.41 -30.47
C GLU B 51 -24.88 -2.46 -29.01
N ASN B 52 -25.36 -1.55 -28.16
CA ASN B 52 -25.09 -1.52 -26.71
C ASN B 52 -23.60 -1.60 -26.33
N PRO B 53 -22.73 -0.65 -26.73
CA PRO B 53 -21.34 -0.61 -26.28
C PRO B 53 -21.25 -0.52 -24.75
N ALA B 54 -20.23 -1.16 -24.19
CA ALA B 54 -20.09 -1.31 -22.75
C ALA B 54 -19.86 0.04 -22.05
N LYS B 55 -20.64 0.30 -20.99
CA LYS B 55 -20.47 1.45 -20.11
C LYS B 55 -19.14 1.37 -19.39
N THR B 56 -18.35 2.41 -19.50
CA THR B 56 -17.21 2.66 -18.62
C THR B 56 -17.70 3.51 -17.42
N ARG B 57 -16.91 4.48 -16.98
CA ARG B 57 -17.19 5.40 -15.88
C ARG B 57 -18.46 6.23 -16.09
N GLU B 58 -19.36 6.27 -15.12
CA GLU B 58 -20.36 7.33 -14.95
C GLU B 58 -19.74 8.52 -14.23
N TYR B 59 -20.17 9.73 -14.57
CA TYR B 59 -19.88 10.95 -13.83
C TYR B 59 -21.17 11.56 -13.32
N CYS B 60 -21.10 12.23 -12.19
CA CYS B 60 -22.20 12.99 -11.64
C CYS B 60 -22.05 14.47 -11.97
N LEU B 61 -23.09 15.08 -12.55
CA LEU B 61 -23.10 16.50 -12.92
C LEU B 61 -23.66 17.41 -11.84
N HIS B 62 -24.53 16.90 -10.97
CA HIS B 62 -25.21 17.70 -9.97
C HIS B 62 -25.50 16.86 -8.74
N ALA B 63 -24.86 17.18 -7.61
CA ALA B 63 -25.04 16.44 -6.38
C ALA B 63 -26.34 16.83 -5.66
N LYS B 64 -26.91 15.88 -4.93
CA LYS B 64 -27.99 16.11 -3.97
C LYS B 64 -27.46 15.82 -2.58
N LEU B 65 -27.53 16.83 -1.70
CA LEU B 65 -26.94 16.81 -0.37
C LEU B 65 -28.03 16.75 0.70
N SER B 66 -27.85 15.91 1.70
CA SER B 66 -28.80 15.71 2.79
C SER B 66 -28.10 15.34 4.10
N ASP B 67 -28.81 15.47 5.22
CA ASP B 67 -28.35 15.06 6.55
C ASP B 67 -26.93 15.56 6.90
N THR B 68 -26.75 16.88 6.87
CA THR B 68 -25.53 17.50 7.39
C THR B 68 -25.43 17.29 8.91
N LYS B 69 -24.24 16.98 9.40
CA LYS B 69 -23.90 16.90 10.82
C LYS B 69 -22.58 17.58 11.10
N VAL B 70 -22.45 18.13 12.30
CA VAL B 70 -21.24 18.81 12.77
C VAL B 70 -20.86 18.26 14.14
N ALA B 71 -19.57 18.12 14.42
CA ALA B 71 -19.06 17.94 15.78
C ALA B 71 -17.83 18.82 15.97
N ALA B 72 -17.65 19.38 17.17
CA ALA B 72 -16.50 20.19 17.51
C ALA B 72 -16.00 19.95 18.94
N ARG B 73 -14.73 20.27 19.20
CA ARG B 73 -14.03 20.11 20.47
C ARG B 73 -13.17 21.31 20.84
N CYS B 74 -12.90 21.50 22.12
CA CYS B 74 -12.11 22.60 22.67
C CYS B 74 -10.59 22.46 22.44
N PRO B 75 -9.78 23.53 22.58
CA PRO B 75 -8.44 23.64 21.99
C PRO B 75 -7.35 22.63 22.41
N THR B 76 -7.62 21.73 23.36
CA THR B 76 -6.69 20.68 23.79
C THR B 76 -7.34 19.29 23.88
N MET B 77 -8.58 19.11 23.47
CA MET B 77 -9.30 17.83 23.52
C MET B 77 -9.10 16.95 22.27
N GLY B 78 -8.07 17.24 21.47
CA GLY B 78 -7.76 16.48 20.26
C GLY B 78 -8.84 16.58 19.18
N PRO B 79 -8.92 15.60 18.27
CA PRO B 79 -9.78 15.65 17.10
C PRO B 79 -11.25 15.49 17.44
N ALA B 80 -12.12 16.30 16.83
CA ALA B 80 -13.57 16.06 16.85
C ALA B 80 -13.92 14.91 15.89
N THR B 81 -14.95 14.11 16.15
CA THR B 81 -15.29 12.98 15.27
C THR B 81 -16.79 12.75 15.13
N LEU B 82 -17.17 12.20 13.97
CA LEU B 82 -18.53 11.79 13.60
C LEU B 82 -18.51 10.36 13.04
N ALA B 83 -19.57 9.59 13.29
CA ALA B 83 -19.71 8.26 12.69
C ALA B 83 -19.71 8.32 11.15
N GLU B 84 -20.28 9.37 10.58
CA GLU B 84 -20.34 9.64 9.15
C GLU B 84 -18.99 9.83 8.46
N GLU B 85 -17.89 10.00 9.18
CA GLU B 85 -16.56 9.94 8.56
C GLU B 85 -16.19 8.53 8.08
N HIS B 86 -16.82 7.52 8.68
CA HIS B 86 -16.63 6.10 8.41
C HIS B 86 -17.94 5.50 7.93
N GLN B 87 -18.46 6.10 6.86
CA GLN B 87 -19.60 5.62 6.08
C GLN B 87 -19.33 5.86 4.59
N SER B 88 -20.04 5.10 3.74
CA SER B 88 -20.09 5.31 2.30
C SER B 88 -21.04 6.45 1.93
N GLY B 89 -20.74 7.17 0.85
CA GLY B 89 -21.65 8.18 0.31
C GLY B 89 -21.77 9.44 1.17
N THR B 90 -20.72 9.79 1.91
CA THR B 90 -20.62 11.04 2.67
C THR B 90 -19.40 11.80 2.20
N VAL B 91 -19.51 13.13 2.17
CA VAL B 91 -18.36 14.03 2.07
C VAL B 91 -18.16 14.61 3.45
N CYS B 92 -16.93 14.66 3.93
CA CYS B 92 -16.59 15.30 5.21
C CYS B 92 -15.40 16.22 5.06
N LYS B 93 -15.39 17.32 5.83
CA LYS B 93 -14.19 18.12 6.06
C LYS B 93 -13.89 18.20 7.54
N ARG B 94 -12.61 18.09 7.87
CA ARG B 94 -12.04 18.31 9.20
C ARG B 94 -11.25 19.60 9.18
N ASP B 95 -11.44 20.45 10.18
CA ASP B 95 -10.82 21.78 10.21
C ASP B 95 -10.63 22.29 11.64
N GLN B 96 -9.88 23.37 11.80
CA GLN B 96 -9.66 24.06 13.06
C GLN B 96 -10.46 25.35 13.17
N SER B 97 -11.07 25.57 14.32
CA SER B 97 -11.90 26.73 14.63
C SER B 97 -11.37 27.46 15.86
N ASP B 98 -11.26 28.78 15.85
CA ASP B 98 -10.93 29.52 17.08
C ASP B 98 -12.06 29.41 18.11
N ARG B 99 -11.75 28.76 19.23
CA ARG B 99 -12.60 28.65 20.42
C ARG B 99 -12.05 29.54 21.55
N GLY B 100 -12.80 29.61 22.63
CA GLY B 100 -12.54 30.44 23.80
C GLY B 100 -13.72 30.36 24.75
N TRP B 101 -13.73 31.24 25.74
CA TRP B 101 -14.96 31.58 26.46
C TRP B 101 -15.99 32.22 25.51
N GLY B 102 -17.28 32.12 25.82
CA GLY B 102 -18.34 32.63 24.95
C GLY B 102 -18.65 31.70 23.77
N ASN B 103 -17.64 31.05 23.20
CA ASN B 103 -17.80 29.76 22.50
C ASN B 103 -17.95 28.57 23.47
N HIS B 104 -17.93 28.80 24.78
CA HIS B 104 -18.08 27.83 25.86
C HIS B 104 -16.98 26.78 26.03
N CYS B 105 -15.75 27.08 25.61
CA CYS B 105 -14.56 26.38 26.12
C CYS B 105 -13.97 27.06 27.36
N GLY B 106 -13.12 26.35 28.10
CA GLY B 106 -12.36 26.90 29.22
C GLY B 106 -11.02 27.52 28.83
N LEU B 107 -10.68 27.57 27.55
CA LEU B 107 -9.35 27.90 27.06
C LEU B 107 -9.45 28.56 25.68
N PHE B 108 -8.54 29.47 25.34
CA PHE B 108 -8.54 30.21 24.07
C PHE B 108 -7.50 29.65 23.12
N GLY B 109 -7.92 29.24 21.92
CA GLY B 109 -7.06 28.61 20.92
C GLY B 109 -7.87 27.89 19.85
N LYS B 110 -7.22 27.11 19.00
CA LYS B 110 -7.85 26.38 17.89
C LYS B 110 -8.43 25.05 18.33
N GLY B 111 -9.75 25.00 18.47
CA GLY B 111 -10.51 23.77 18.59
C GLY B 111 -10.55 23.01 17.27
N SER B 112 -11.08 21.81 17.29
CA SER B 112 -11.21 20.95 16.11
C SER B 112 -12.68 20.81 15.78
N ILE B 113 -13.02 20.89 14.51
CA ILE B 113 -14.38 20.77 13.99
C ILE B 113 -14.39 19.79 12.81
N VAL B 114 -15.46 19.01 12.68
CA VAL B 114 -15.72 18.18 11.50
C VAL B 114 -17.15 18.38 11.04
N THR B 115 -17.33 18.58 9.75
CA THR B 115 -18.65 18.60 9.09
C THR B 115 -18.73 17.43 8.16
N CYS B 116 -19.83 16.69 8.19
CA CYS B 116 -20.14 15.62 7.25
C CYS B 116 -21.52 15.83 6.63
N VAL B 117 -21.67 15.45 5.36
CA VAL B 117 -22.93 15.49 4.63
C VAL B 117 -23.11 14.23 3.83
N LYS B 118 -24.33 13.69 3.75
CA LYS B 118 -24.67 12.56 2.90
C LYS B 118 -24.89 13.06 1.47
N ALA B 119 -24.18 12.50 0.50
CA ALA B 119 -24.18 12.96 -0.88
C ALA B 119 -24.60 11.85 -1.85
N SER B 120 -25.37 12.25 -2.87
CA SER B 120 -25.86 11.40 -3.95
C SER B 120 -25.86 12.19 -5.25
N CYS B 121 -26.20 11.58 -6.37
CA CYS B 121 -26.33 12.29 -7.63
C CYS B 121 -27.80 12.59 -7.93
N GLU B 122 -28.09 13.80 -8.39
CA GLU B 122 -29.45 14.25 -8.68
C GLU B 122 -30.06 13.48 -9.87
N ALA B 123 -31.38 13.29 -9.88
CA ALA B 123 -32.07 12.48 -10.87
C ALA B 123 -31.81 12.95 -12.31
N LYS B 124 -31.43 12.02 -13.20
CA LYS B 124 -31.00 12.26 -14.61
C LYS B 124 -29.68 13.01 -14.79
N LYS B 125 -29.05 13.54 -13.74
CA LYS B 125 -27.88 14.43 -13.87
C LYS B 125 -26.55 13.67 -13.95
N LYS B 126 -26.50 12.61 -14.74
CA LYS B 126 -25.29 11.81 -15.00
C LYS B 126 -24.77 12.01 -16.41
N ALA B 127 -23.46 12.06 -16.58
CA ALA B 127 -22.85 11.65 -17.83
C ALA B 127 -22.48 10.17 -17.75
N THR B 128 -22.51 9.43 -18.85
CA THR B 128 -21.98 8.07 -18.93
C THR B 128 -21.02 7.97 -20.09
N GLY B 129 -19.88 7.31 -19.91
CA GLY B 129 -19.00 6.94 -21.01
C GLY B 129 -19.32 5.54 -21.48
N HIS B 130 -19.27 5.29 -22.79
CA HIS B 130 -19.33 3.97 -23.39
C HIS B 130 -18.11 3.75 -24.27
N VAL B 131 -17.63 2.52 -24.40
CA VAL B 131 -16.45 2.19 -25.21
C VAL B 131 -16.80 1.12 -26.26
N TYR B 132 -16.26 1.28 -27.46
CA TYR B 132 -16.42 0.30 -28.54
C TYR B 132 -15.52 -0.92 -28.36
N ASP B 133 -16.02 -2.09 -28.74
CA ASP B 133 -15.29 -3.35 -28.78
C ASP B 133 -14.99 -3.70 -30.24
N ALA B 134 -13.72 -3.88 -30.61
CA ALA B 134 -13.34 -4.29 -31.96
C ALA B 134 -14.01 -5.61 -32.41
N ASN B 135 -14.42 -6.47 -31.47
CA ASN B 135 -15.11 -7.72 -31.76
C ASN B 135 -16.63 -7.57 -31.90
N LYS B 136 -17.20 -6.39 -31.67
CA LYS B 136 -18.66 -6.15 -31.77
C LYS B 136 -19.05 -4.93 -32.60
N ILE B 137 -18.09 -4.07 -32.94
CA ILE B 137 -18.29 -2.98 -33.87
C ILE B 137 -18.64 -3.49 -35.28
N VAL B 138 -19.53 -2.79 -35.96
CA VAL B 138 -19.92 -3.01 -37.35
C VAL B 138 -19.52 -1.79 -38.18
N TYR B 139 -18.74 -1.97 -39.23
CA TYR B 139 -18.62 -0.97 -40.29
C TYR B 139 -19.65 -1.33 -41.37
N THR B 140 -20.39 -0.38 -41.90
CA THR B 140 -21.28 -0.60 -43.04
C THR B 140 -20.71 0.11 -44.23
N VAL B 141 -20.40 -0.60 -45.30
CA VAL B 141 -19.98 -0.03 -46.58
C VAL B 141 -21.05 -0.28 -47.61
N LYS B 142 -21.37 0.74 -48.41
CA LYS B 142 -22.40 0.71 -49.42
C LYS B 142 -21.81 0.91 -50.80
N VAL B 143 -22.44 0.29 -51.78
CA VAL B 143 -22.07 0.36 -53.19
C VAL B 143 -23.31 0.64 -54.01
N GLU B 144 -23.23 1.51 -55.01
CA GLU B 144 -24.26 1.58 -56.03
C GLU B 144 -23.64 1.76 -57.44
N PRO B 145 -24.25 1.20 -58.49
CA PRO B 145 -23.76 1.33 -59.83
C PRO B 145 -24.03 2.76 -60.31
N HIS B 146 -23.01 3.35 -60.91
CA HIS B 146 -23.00 4.73 -61.37
C HIS B 146 -23.76 4.86 -62.71
N THR B 147 -25.04 4.47 -62.73
CA THR B 147 -25.89 4.42 -63.93
C THR B 147 -26.43 5.80 -64.34
N GLY B 148 -27.20 5.82 -65.42
CA GLY B 148 -27.98 6.99 -65.84
C GLY B 148 -29.30 7.18 -65.08
N ASP B 149 -29.50 6.52 -63.95
CA ASP B 149 -30.63 6.85 -63.07
C ASP B 149 -30.18 7.91 -62.07
N TYR B 150 -30.90 9.03 -61.99
CA TYR B 150 -30.68 10.05 -60.95
C TYR B 150 -31.80 10.00 -59.93
N VAL B 151 -31.34 9.87 -58.68
CA VAL B 151 -32.18 9.87 -57.45
C VAL B 151 -31.64 10.99 -56.54
N ALA B 152 -32.53 11.70 -55.85
CA ALA B 152 -32.12 12.77 -54.91
C ALA B 152 -31.46 12.14 -53.68
N ALA B 153 -30.85 12.98 -52.83
CA ALA B 153 -30.19 12.49 -51.60
C ALA B 153 -31.23 11.83 -50.67
N ASN B 154 -32.49 12.20 -50.83
CA ASN B 154 -33.56 11.62 -49.97
C ASN B 154 -34.14 10.38 -50.66
N GLU B 155 -33.58 10.00 -51.80
CA GLU B 155 -34.20 8.95 -52.66
C GLU B 155 -33.21 7.79 -52.80
N THR B 156 -33.68 6.55 -52.92
CA THR B 156 -32.77 5.38 -52.92
C THR B 156 -32.53 4.91 -54.34
N HIS B 157 -31.26 4.74 -54.72
CA HIS B 157 -30.91 4.10 -56.01
C HIS B 157 -31.10 2.59 -55.87
N SER B 158 -31.78 1.98 -56.85
CA SER B 158 -32.10 0.53 -56.78
C SER B 158 -30.83 -0.28 -56.52
N GLY B 159 -29.72 0.06 -57.19
CA GLY B 159 -28.52 -0.79 -57.20
C GLY B 159 -27.66 -0.57 -55.98
N ARG B 160 -28.14 0.23 -55.03
CA ARG B 160 -27.47 0.39 -53.72
C ARG B 160 -27.32 -1.00 -53.06
N LYS B 161 -26.10 -1.39 -52.73
CA LYS B 161 -25.82 -2.72 -52.13
C LYS B 161 -25.02 -2.52 -50.84
N THR B 162 -25.32 -3.30 -49.81
CA THR B 162 -24.76 -3.04 -48.47
C THR B 162 -23.94 -4.21 -47.95
N ALA B 163 -22.74 -3.97 -47.41
CA ALA B 163 -21.87 -4.95 -46.76
C ALA B 163 -21.46 -4.53 -45.33
N SER B 164 -21.77 -5.36 -44.33
CA SER B 164 -21.55 -5.07 -42.91
C SER B 164 -20.28 -5.74 -42.38
N PHE B 165 -19.12 -5.10 -42.58
CA PHE B 165 -17.81 -5.57 -42.12
C PHE B 165 -17.67 -5.55 -40.60
N THR B 166 -17.81 -6.71 -39.99
CA THR B 166 -17.37 -7.03 -38.63
C THR B 166 -15.94 -7.57 -38.62
N VAL B 167 -15.44 -8.00 -37.47
CA VAL B 167 -14.13 -8.70 -37.37
C VAL B 167 -14.18 -10.12 -37.97
N SER B 168 -15.34 -10.75 -37.93
CA SER B 168 -15.63 -12.08 -38.47
C SER B 168 -15.91 -12.08 -39.97
N SER B 169 -15.08 -11.38 -40.75
CA SER B 169 -15.42 -10.95 -42.10
C SER B 169 -14.25 -11.09 -43.06
N GLU B 170 -14.50 -11.68 -44.22
CA GLU B 170 -13.55 -11.83 -45.33
C GLU B 170 -14.08 -11.13 -46.59
N LYS B 171 -13.42 -11.34 -47.73
CA LYS B 171 -13.81 -10.78 -49.03
C LYS B 171 -15.25 -11.17 -49.36
N THR B 172 -16.10 -10.16 -49.42
CA THR B 172 -17.56 -10.23 -49.49
C THR B 172 -18.01 -9.90 -50.90
N ILE B 173 -18.91 -10.67 -51.50
CA ILE B 173 -19.36 -10.46 -52.89
C ILE B 173 -20.74 -9.81 -52.89
N LEU B 174 -20.86 -8.69 -53.59
CA LEU B 174 -22.10 -7.97 -53.85
C LEU B 174 -22.47 -8.09 -55.32
N THR B 175 -23.67 -8.56 -55.61
CA THR B 175 -24.18 -8.69 -56.98
C THR B 175 -24.86 -7.41 -57.41
N MET B 176 -24.26 -6.71 -58.37
CA MET B 176 -24.68 -5.41 -58.86
C MET B 176 -25.74 -5.51 -59.95
N GLY B 177 -26.75 -6.37 -59.77
CA GLY B 177 -27.77 -6.64 -60.78
C GLY B 177 -27.19 -7.02 -62.14
N ASP B 178 -27.59 -6.32 -63.20
CA ASP B 178 -27.07 -6.51 -64.56
C ASP B 178 -25.59 -6.12 -64.75
N TYR B 179 -25.02 -5.36 -63.83
CA TYR B 179 -23.64 -4.87 -63.90
C TYR B 179 -22.59 -5.89 -63.41
N GLY B 180 -22.97 -7.15 -63.20
CA GLY B 180 -22.07 -8.21 -62.73
C GLY B 180 -21.97 -8.30 -61.20
N ASP B 181 -20.80 -8.66 -60.69
CA ASP B 181 -20.50 -8.71 -59.25
C ASP B 181 -19.29 -7.83 -58.92
N VAL B 182 -19.26 -7.29 -57.72
CA VAL B 182 -18.12 -6.59 -57.12
C VAL B 182 -17.80 -7.26 -55.80
N SER B 183 -16.56 -7.20 -55.34
CA SER B 183 -16.19 -7.77 -54.04
C SER B 183 -15.39 -6.80 -53.18
N LEU B 184 -15.63 -6.82 -51.88
CA LEU B 184 -15.09 -5.89 -50.90
C LEU B 184 -14.40 -6.63 -49.77
N LEU B 185 -13.27 -6.12 -49.30
CA LEU B 185 -12.67 -6.51 -48.03
C LEU B 185 -12.19 -5.27 -47.27
N CYS B 186 -12.93 -4.89 -46.23
CA CYS B 186 -12.55 -3.78 -45.37
C CYS B 186 -11.88 -4.30 -44.09
N ARG B 187 -10.77 -3.66 -43.74
CA ARG B 187 -9.78 -4.16 -42.78
C ARG B 187 -10.03 -3.51 -41.42
N VAL B 188 -11.05 -3.98 -40.69
CA VAL B 188 -11.66 -3.22 -39.57
C VAL B 188 -10.68 -2.83 -38.47
N ALA B 189 -9.69 -3.67 -38.18
CA ALA B 189 -8.65 -3.38 -37.19
C ALA B 189 -7.68 -2.25 -37.59
N SER B 190 -7.69 -1.84 -38.85
CA SER B 190 -6.99 -0.68 -39.40
C SER B 190 -7.94 0.49 -39.73
N GLY B 191 -9.16 0.50 -39.16
CA GLY B 191 -10.06 1.64 -39.17
C GLY B 191 -9.79 2.61 -38.01
N VAL B 192 -10.85 3.01 -37.31
CA VAL B 192 -10.79 3.90 -36.13
C VAL B 192 -10.05 3.24 -34.96
N ASP B 193 -9.22 4.00 -34.24
CA ASP B 193 -8.53 3.58 -33.01
C ASP B 193 -9.47 3.59 -31.80
N LEU B 194 -10.20 2.49 -31.60
CA LEU B 194 -11.25 2.36 -30.59
C LEU B 194 -10.76 2.53 -29.15
N ALA B 195 -9.51 2.16 -28.87
CA ALA B 195 -8.91 2.30 -27.53
C ALA B 195 -8.83 3.76 -27.05
N GLN B 196 -8.70 4.72 -27.98
CA GLN B 196 -8.62 6.15 -27.67
C GLN B 196 -9.99 6.84 -27.65
N THR B 197 -11.09 6.11 -27.83
CA THR B 197 -12.41 6.68 -28.16
C THR B 197 -13.47 6.27 -27.15
N VAL B 198 -14.24 7.23 -26.65
CA VAL B 198 -15.41 7.02 -25.78
C VAL B 198 -16.61 7.70 -26.42
N ILE B 199 -17.80 7.09 -26.36
CA ILE B 199 -19.05 7.82 -26.58
C ILE B 199 -19.48 8.40 -25.23
N LEU B 200 -19.43 9.73 -25.08
CA LEU B 200 -20.05 10.42 -23.94
C LEU B 200 -21.55 10.57 -24.17
N GLU B 201 -22.36 10.23 -23.19
CA GLU B 201 -23.82 10.25 -23.27
C GLU B 201 -24.42 10.93 -22.03
N LEU B 202 -25.42 11.81 -22.20
CA LEU B 202 -26.15 12.47 -21.11
C LEU B 202 -27.62 12.00 -21.08
N ASP B 203 -28.51 12.74 -20.41
CA ASP B 203 -29.95 12.61 -20.63
C ASP B 203 -30.31 12.87 -22.11
N LYS B 204 -30.68 11.81 -22.83
CA LYS B 204 -31.00 11.84 -24.27
C LYS B 204 -32.24 12.67 -24.59
N THR B 205 -33.10 12.95 -23.61
CA THR B 205 -34.45 13.50 -23.86
C THR B 205 -34.46 15.02 -24.13
N SER B 206 -33.43 15.77 -23.76
CA SER B 206 -33.38 17.22 -24.01
C SER B 206 -33.09 17.51 -25.49
N GLU B 207 -34.10 17.99 -26.22
CA GLU B 207 -34.11 18.01 -27.70
C GLU B 207 -33.07 18.95 -28.33
N HIS B 208 -32.56 19.90 -27.56
CA HIS B 208 -31.53 20.86 -28.00
C HIS B 208 -30.10 20.42 -27.64
N LEU B 209 -29.94 19.22 -27.06
CA LEU B 209 -28.65 18.56 -26.89
C LEU B 209 -28.43 17.49 -27.96
N PRO B 210 -27.21 17.34 -28.51
CA PRO B 210 -26.79 16.12 -29.16
C PRO B 210 -27.06 14.88 -28.31
N THR B 211 -27.38 13.74 -28.93
CA THR B 211 -27.56 12.48 -28.20
C THR B 211 -26.25 11.97 -27.59
N ALA B 212 -25.11 12.31 -28.17
CA ALA B 212 -23.81 11.88 -27.72
C ALA B 212 -22.68 12.71 -28.31
N TRP B 213 -21.49 12.58 -27.75
CA TRP B 213 -20.25 13.15 -28.26
C TRP B 213 -19.20 12.05 -28.37
N GLN B 214 -18.36 12.12 -29.39
CA GLN B 214 -17.19 11.27 -29.50
C GLN B 214 -16.02 11.98 -28.84
N VAL B 215 -15.54 11.47 -27.70
CA VAL B 215 -14.52 12.11 -26.86
C VAL B 215 -13.30 11.22 -26.71
N HIS B 216 -12.14 11.83 -26.50
CA HIS B 216 -10.90 11.10 -26.27
C HIS B 216 -10.90 10.41 -24.89
N ARG B 217 -10.36 9.20 -24.80
CA ARG B 217 -10.30 8.39 -23.58
C ARG B 217 -9.54 9.09 -22.44
N ASP B 218 -8.42 9.73 -22.74
CA ASP B 218 -7.65 10.45 -21.72
C ASP B 218 -8.43 11.64 -21.17
N TRP B 219 -8.95 12.49 -22.07
CA TRP B 219 -9.78 13.62 -21.66
C TRP B 219 -10.97 13.17 -20.81
N PHE B 220 -11.64 12.08 -21.19
CA PHE B 220 -12.78 11.60 -20.44
C PHE B 220 -12.37 11.16 -19.05
N ASN B 221 -11.25 10.46 -18.91
CA ASN B 221 -10.75 10.03 -17.60
C ASN B 221 -10.21 11.21 -16.77
N ASP B 222 -9.88 12.33 -17.39
CA ASP B 222 -9.46 13.57 -16.73
C ASP B 222 -10.62 14.50 -16.31
N LEU B 223 -11.89 14.18 -16.56
CA LEU B 223 -13.00 15.01 -16.09
C LEU B 223 -13.01 15.12 -14.56
N ALA B 224 -13.11 16.36 -14.06
CA ALA B 224 -13.08 16.70 -12.65
C ALA B 224 -14.49 16.70 -12.03
N LEU B 225 -15.08 15.53 -11.88
CA LEU B 225 -16.41 15.32 -11.29
C LEU B 225 -16.40 14.09 -10.37
N PRO B 226 -17.41 13.88 -9.53
CA PRO B 226 -17.63 12.63 -8.83
C PRO B 226 -17.94 11.51 -9.82
N TRP B 227 -17.47 10.30 -9.58
CA TRP B 227 -17.59 9.24 -10.58
C TRP B 227 -17.69 7.86 -10.00
N LYS B 228 -18.27 6.92 -10.74
CA LYS B 228 -18.39 5.52 -10.33
C LYS B 228 -18.50 4.60 -11.56
N HIS B 229 -18.23 3.31 -11.43
CA HIS B 229 -18.43 2.34 -12.51
C HIS B 229 -19.84 1.78 -12.49
N GLU B 230 -20.26 1.16 -13.57
CA GLU B 230 -21.61 0.61 -13.70
C GLU B 230 -21.99 -0.28 -12.51
N GLY B 231 -23.15 -0.03 -11.92
CA GLY B 231 -23.66 -0.79 -10.77
C GLY B 231 -22.96 -0.52 -9.43
N ALA B 232 -21.92 0.32 -9.38
CA ALA B 232 -21.34 0.77 -8.12
C ALA B 232 -22.34 1.63 -7.33
N GLN B 233 -22.31 1.55 -6.00
CA GLN B 233 -23.38 2.08 -5.16
C GLN B 233 -23.19 3.53 -4.74
N ASN B 234 -21.95 4.03 -4.68
CA ASN B 234 -21.62 5.39 -4.25
C ASN B 234 -20.47 5.99 -5.06
N TRP B 235 -20.42 7.31 -5.07
CA TRP B 235 -19.50 8.09 -5.88
C TRP B 235 -18.11 8.18 -5.27
N ASN B 236 -17.09 8.04 -6.09
CA ASN B 236 -15.72 8.43 -5.76
C ASN B 236 -15.60 9.93 -5.99
N ASN B 237 -14.79 10.65 -5.21
CA ASN B 237 -14.55 12.08 -5.35
C ASN B 237 -15.81 12.97 -5.28
N ALA B 238 -16.81 12.60 -4.48
CA ALA B 238 -17.99 13.44 -4.20
C ALA B 238 -17.63 14.84 -3.67
N GLU B 239 -16.43 14.98 -3.11
CA GLU B 239 -15.72 16.19 -2.75
C GLU B 239 -15.69 17.26 -3.84
N ARG B 240 -15.85 16.89 -5.11
CA ARG B 240 -15.73 17.79 -6.26
C ARG B 240 -16.98 18.64 -6.53
N LEU B 241 -18.15 18.27 -6.00
CA LEU B 241 -19.40 19.04 -6.14
C LEU B 241 -19.86 19.70 -4.83
N VAL B 242 -19.02 19.75 -3.82
CA VAL B 242 -19.35 20.29 -2.50
C VAL B 242 -18.23 21.20 -2.03
N GLU B 243 -18.57 22.38 -1.55
CA GLU B 243 -17.65 23.31 -0.90
C GLU B 243 -18.03 23.47 0.57
N PHE B 244 -17.06 23.55 1.47
CA PHE B 244 -17.31 23.85 2.87
C PHE B 244 -16.89 25.28 3.16
N GLY B 245 -17.73 26.04 3.86
CA GLY B 245 -17.36 27.37 4.31
C GLY B 245 -16.20 27.35 5.30
N ALA B 246 -15.56 28.49 5.56
CA ALA B 246 -14.62 28.60 6.67
C ALA B 246 -15.37 28.42 8.00
N PRO B 247 -14.79 27.76 9.01
CA PRO B 247 -15.49 27.45 10.25
C PRO B 247 -15.67 28.70 11.12
N HIS B 248 -16.77 28.73 11.85
CA HIS B 248 -17.19 29.82 12.73
C HIS B 248 -17.72 29.21 14.03
N ALA B 249 -16.92 29.27 15.10
CA ALA B 249 -17.18 28.61 16.38
C ALA B 249 -17.49 27.11 16.20
N VAL B 250 -18.70 26.68 16.52
CA VAL B 250 -19.16 25.27 16.45
C VAL B 250 -19.91 24.93 15.16
N LYS B 251 -19.75 25.73 14.09
CA LYS B 251 -20.38 25.51 12.78
C LYS B 251 -19.39 25.68 11.63
N MET B 252 -19.69 25.04 10.50
CA MET B 252 -18.96 25.10 9.25
C MET B 252 -19.89 24.65 8.12
N ASP B 253 -20.42 25.59 7.35
CA ASP B 253 -21.52 25.37 6.39
C ASP B 253 -21.15 24.55 5.16
N VAL B 254 -22.13 23.83 4.62
CA VAL B 254 -22.00 22.98 3.43
C VAL B 254 -22.70 23.63 2.25
N TYR B 255 -21.99 23.84 1.14
CA TYR B 255 -22.48 24.46 -0.08
C TYR B 255 -22.49 23.46 -1.25
N ASN B 256 -23.66 23.23 -1.83
CA ASN B 256 -23.80 22.49 -3.08
C ASN B 256 -23.27 23.34 -4.24
N LEU B 257 -22.22 22.89 -4.93
CA LEU B 257 -21.53 23.69 -5.95
C LEU B 257 -22.28 23.81 -7.29
N GLY B 258 -23.54 23.37 -7.33
CA GLY B 258 -24.46 23.57 -8.44
C GLY B 258 -24.36 22.53 -9.55
N ASP B 259 -25.33 22.57 -10.46
CA ASP B 259 -25.40 21.73 -11.64
C ASP B 259 -24.30 22.10 -12.65
N HIS B 260 -23.38 21.17 -12.90
CA HIS B 260 -22.28 21.32 -13.84
C HIS B 260 -22.60 20.92 -15.28
N THR B 261 -23.85 20.65 -15.65
CA THR B 261 -24.24 20.34 -17.03
C THR B 261 -23.67 21.34 -18.03
N GLY B 262 -23.89 22.64 -17.84
CA GLY B 262 -23.35 23.69 -18.70
C GLY B 262 -21.83 23.79 -18.70
N VAL B 263 -21.17 23.42 -17.61
CA VAL B 263 -19.70 23.40 -17.51
C VAL B 263 -19.14 22.32 -18.42
N LEU B 264 -19.78 21.15 -18.42
CA LEU B 264 -19.44 20.06 -19.32
C LEU B 264 -19.72 20.47 -20.76
N LEU B 265 -20.95 20.87 -21.10
CA LEU B 265 -21.31 21.21 -22.48
C LEU B 265 -20.39 22.29 -23.08
N LYS B 266 -19.98 23.29 -22.30
CA LYS B 266 -18.98 24.27 -22.73
C LYS B 266 -17.61 23.62 -22.97
N SER B 267 -17.16 22.70 -22.13
CA SER B 267 -15.90 21.96 -22.36
C SER B 267 -15.97 21.02 -23.59
N LEU B 268 -17.16 20.60 -23.98
CA LEU B 268 -17.45 19.88 -25.23
C LEU B 268 -17.60 20.79 -26.47
N ALA B 269 -17.21 22.07 -26.38
CA ALA B 269 -17.01 22.89 -27.58
C ALA B 269 -15.82 22.37 -28.41
N GLY B 270 -15.97 22.32 -29.73
CA GLY B 270 -14.95 21.79 -30.65
C GLY B 270 -14.84 20.25 -30.71
N VAL B 271 -15.84 19.54 -30.20
CA VAL B 271 -15.86 18.05 -30.12
C VAL B 271 -16.85 17.48 -31.16
N PRO B 272 -16.50 16.42 -31.91
CA PRO B 272 -17.41 15.76 -32.85
C PRO B 272 -18.63 15.15 -32.15
N VAL B 273 -19.82 15.43 -32.65
CA VAL B 273 -21.04 14.74 -32.21
C VAL B 273 -20.99 13.24 -32.54
N ALA B 274 -21.79 12.44 -31.86
CA ALA B 274 -22.09 11.06 -32.18
C ALA B 274 -23.60 10.84 -32.08
N HIS B 275 -24.13 9.76 -32.66
CA HIS B 275 -25.57 9.54 -32.75
C HIS B 275 -25.97 8.25 -32.05
N ILE B 276 -27.13 8.20 -31.41
CA ILE B 276 -27.67 6.99 -30.82
C ILE B 276 -29.05 6.72 -31.41
N ASP B 277 -29.20 5.57 -32.05
CA ASP B 277 -30.41 5.12 -32.73
C ASP B 277 -30.97 3.90 -32.00
N GLY B 278 -31.83 4.14 -31.01
CA GLY B 278 -32.26 3.11 -30.07
C GLY B 278 -31.06 2.55 -29.32
N THR B 279 -30.75 1.27 -29.55
CA THR B 279 -29.58 0.56 -28.99
C THR B 279 -28.30 0.68 -29.81
N LYS B 280 -28.34 1.22 -31.04
CA LYS B 280 -27.15 1.38 -31.88
C LYS B 280 -26.44 2.69 -31.60
N TYR B 281 -25.16 2.65 -31.24
CA TYR B 281 -24.35 3.83 -31.00
C TYR B 281 -23.45 4.03 -32.22
N HIS B 282 -23.60 5.15 -32.92
CA HIS B 282 -22.92 5.48 -34.17
C HIS B 282 -21.82 6.51 -33.98
N LEU B 283 -20.62 6.24 -34.49
CA LEU B 283 -19.64 7.30 -34.76
C LEU B 283 -20.12 8.13 -35.95
N LYS B 284 -19.92 9.46 -35.91
CA LYS B 284 -20.18 10.36 -37.06
C LYS B 284 -18.92 10.89 -37.75
N SER B 285 -17.74 10.57 -37.24
CA SER B 285 -16.46 10.73 -37.94
C SER B 285 -15.60 9.48 -37.75
N GLY B 286 -14.77 9.16 -38.73
CA GLY B 286 -13.98 7.93 -38.79
C GLY B 286 -13.91 7.33 -40.19
N HIS B 287 -13.08 6.32 -40.37
CA HIS B 287 -12.71 5.76 -41.66
C HIS B 287 -12.39 4.28 -41.59
N VAL B 288 -12.38 3.61 -42.74
CA VAL B 288 -11.88 2.24 -42.88
C VAL B 288 -11.10 2.11 -44.17
N THR B 289 -9.93 1.47 -44.12
CA THR B 289 -9.23 1.07 -45.35
C THR B 289 -9.92 -0.15 -45.94
N CYS B 290 -10.14 -0.16 -47.24
CA CYS B 290 -10.92 -1.18 -47.89
C CYS B 290 -10.44 -1.46 -49.31
N GLU B 291 -10.56 -2.69 -49.79
CA GLU B 291 -10.14 -3.07 -51.13
C GLU B 291 -11.25 -3.72 -51.95
N VAL B 292 -11.43 -3.21 -53.17
CA VAL B 292 -12.54 -3.52 -54.07
C VAL B 292 -12.03 -4.31 -55.26
N GLY B 293 -12.61 -5.45 -55.58
CA GLY B 293 -12.30 -6.25 -56.77
C GLY B 293 -13.30 -5.99 -57.90
N LEU B 294 -12.83 -5.38 -58.98
CA LEU B 294 -13.64 -4.94 -60.11
C LEU B 294 -13.78 -6.00 -61.23
N GLU B 295 -12.98 -7.07 -61.22
CA GLU B 295 -12.88 -8.02 -62.33
C GLU B 295 -14.21 -8.68 -62.75
N LYS B 296 -15.15 -8.91 -61.85
CA LYS B 296 -16.46 -9.51 -62.17
C LYS B 296 -17.54 -8.49 -62.59
N LEU B 297 -17.22 -7.21 -62.71
CA LEU B 297 -18.14 -6.20 -63.23
C LEU B 297 -18.27 -6.28 -64.75
N LYS B 298 -19.47 -6.02 -65.25
CA LYS B 298 -19.89 -6.15 -66.66
C LYS B 298 -20.61 -4.89 -67.11
N MET B 299 -20.28 -4.35 -68.28
CA MET B 299 -21.08 -3.25 -68.85
C MET B 299 -22.46 -3.74 -69.24
N LYS B 300 -23.53 -3.07 -68.79
CA LYS B 300 -24.86 -3.29 -69.34
C LYS B 300 -24.92 -2.70 -70.75
N GLY B 301 -25.71 -3.30 -71.64
CA GLY B 301 -26.17 -2.65 -72.86
C GLY B 301 -25.11 -2.22 -73.87
N LEU B 302 -23.94 -2.87 -73.95
CA LEU B 302 -22.99 -2.64 -75.05
C LEU B 302 -23.54 -3.08 -76.41
N THR B 303 -24.52 -3.98 -76.41
CA THR B 303 -25.13 -4.57 -77.59
C THR B 303 -26.31 -3.78 -78.15
N TYR B 304 -26.90 -2.86 -77.38
CA TYR B 304 -28.06 -2.08 -77.83
C TYR B 304 -27.73 -1.17 -79.03
N THR B 305 -28.74 -0.87 -79.84
CA THR B 305 -28.67 0.11 -80.93
C THR B 305 -28.55 1.54 -80.40
N MET B 306 -27.95 2.44 -81.19
CA MET B 306 -28.00 3.87 -80.89
C MET B 306 -29.44 4.36 -80.98
N CYS B 307 -29.85 5.20 -80.04
CA CYS B 307 -31.15 5.86 -80.08
C CYS B 307 -31.22 6.86 -81.23
N ASP B 308 -32.43 7.14 -81.72
CA ASP B 308 -32.69 8.13 -82.77
C ASP B 308 -32.22 9.53 -82.34
N LYS B 309 -31.15 10.04 -82.95
CA LYS B 309 -30.56 11.34 -82.63
C LYS B 309 -31.57 12.48 -82.58
N THR B 310 -32.66 12.41 -83.33
CA THR B 310 -33.66 13.47 -83.41
C THR B 310 -34.59 13.55 -82.19
N LYS B 311 -34.66 12.52 -81.34
CA LYS B 311 -35.73 12.39 -80.32
C LYS B 311 -35.37 12.81 -78.89
N PHE B 312 -34.18 13.34 -78.67
CA PHE B 312 -33.76 13.86 -77.37
C PHE B 312 -34.29 15.27 -77.07
N THR B 313 -34.54 15.53 -75.78
CA THR B 313 -34.90 16.82 -75.16
C THR B 313 -34.11 16.97 -73.85
N TRP B 314 -33.67 18.16 -73.46
CA TRP B 314 -33.07 18.33 -72.12
C TRP B 314 -34.15 18.24 -71.04
N LYS B 315 -33.92 17.42 -70.01
CA LYS B 315 -34.73 17.37 -68.79
C LYS B 315 -34.06 18.13 -67.63
N ARG B 316 -32.73 18.11 -67.60
CA ARG B 316 -31.86 18.96 -66.79
C ARG B 316 -30.68 19.36 -67.68
N ILE B 317 -30.62 20.63 -68.05
CA ILE B 317 -29.61 21.19 -68.96
C ILE B 317 -28.19 20.97 -68.37
N PRO B 318 -27.12 20.84 -69.18
CA PRO B 318 -25.77 20.73 -68.67
C PRO B 318 -25.44 21.78 -67.61
N THR B 319 -25.00 21.32 -66.46
CA THR B 319 -24.80 22.11 -65.24
C THR B 319 -23.47 21.74 -64.60
N ASP B 320 -22.73 22.73 -64.09
CA ASP B 320 -21.47 22.48 -63.40
C ASP B 320 -21.73 21.82 -62.04
N SER B 321 -21.18 20.63 -61.78
CA SER B 321 -21.53 19.82 -60.62
C SER B 321 -21.05 20.36 -59.27
N GLY B 322 -20.09 21.28 -59.28
CA GLY B 322 -19.32 21.71 -58.10
C GLY B 322 -18.00 20.93 -57.94
N HIS B 323 -17.97 19.68 -58.39
CA HIS B 323 -16.73 18.97 -58.70
C HIS B 323 -16.26 19.37 -60.10
N ASP B 324 -15.20 18.78 -60.64
CA ASP B 324 -14.70 19.20 -61.97
C ASP B 324 -15.57 18.75 -63.16
N THR B 325 -16.64 18.00 -62.91
CA THR B 325 -17.52 17.39 -63.91
C THR B 325 -18.72 18.26 -64.26
N VAL B 326 -19.28 18.00 -65.43
CA VAL B 326 -20.56 18.50 -65.92
C VAL B 326 -21.58 17.39 -65.75
N VAL B 327 -22.78 17.72 -65.29
CA VAL B 327 -23.89 16.78 -65.17
C VAL B 327 -25.06 17.25 -66.02
N MET B 328 -25.87 16.34 -66.49
CA MET B 328 -27.07 16.65 -67.27
C MET B 328 -28.04 15.49 -67.25
N GLU B 329 -29.28 15.74 -67.63
CA GLU B 329 -30.25 14.67 -67.83
C GLU B 329 -31.08 14.93 -69.08
N VAL B 330 -31.26 13.92 -69.91
CA VAL B 330 -32.03 13.99 -71.16
C VAL B 330 -33.26 13.12 -71.09
N ALA B 331 -34.33 13.55 -71.74
CA ALA B 331 -35.53 12.76 -71.98
C ALA B 331 -35.60 12.42 -73.47
N PHE B 332 -35.80 11.15 -73.79
CA PHE B 332 -35.86 10.61 -75.13
C PHE B 332 -37.27 10.12 -75.43
N SER B 333 -37.88 10.59 -76.52
CA SER B 333 -39.31 10.35 -76.79
C SER B 333 -39.62 8.98 -77.41
N GLY B 334 -38.64 8.21 -77.91
CA GLY B 334 -38.89 6.82 -78.28
C GLY B 334 -39.01 5.89 -77.06
N THR B 335 -39.69 4.76 -77.18
CA THR B 335 -39.85 3.76 -76.09
C THR B 335 -38.64 2.83 -75.94
N LYS B 336 -37.73 2.84 -76.92
CA LYS B 336 -36.65 1.88 -77.11
C LYS B 336 -35.62 1.85 -75.96
N PRO B 337 -35.15 0.67 -75.55
CA PRO B 337 -33.82 0.50 -74.96
C PRO B 337 -32.76 0.93 -75.96
N CYS B 338 -31.76 1.71 -75.56
CA CYS B 338 -30.77 2.25 -76.48
C CYS B 338 -29.46 2.60 -75.82
N ARG B 339 -28.39 2.67 -76.58
CA ARG B 339 -27.24 3.51 -76.24
C ARG B 339 -27.54 4.98 -76.54
N ILE B 340 -27.05 5.91 -75.74
CA ILE B 340 -27.22 7.34 -75.99
C ILE B 340 -26.05 7.83 -76.86
N PRO B 341 -26.29 8.51 -77.99
CA PRO B 341 -25.27 9.11 -78.84
C PRO B 341 -24.73 10.41 -78.24
N VAL B 342 -24.07 10.31 -77.09
CA VAL B 342 -23.39 11.43 -76.42
C VAL B 342 -22.03 11.66 -77.04
N ARG B 343 -21.66 12.91 -77.28
CA ARG B 343 -20.29 13.32 -77.60
C ARG B 343 -20.08 14.78 -77.23
N ALA B 344 -18.84 15.22 -77.09
CA ALA B 344 -18.52 16.62 -76.91
C ALA B 344 -17.31 17.00 -77.76
N VAL B 345 -17.28 18.22 -78.28
CA VAL B 345 -16.28 18.72 -79.20
C VAL B 345 -15.62 19.96 -78.62
N ALA B 346 -14.29 19.96 -78.54
CA ALA B 346 -13.57 21.21 -78.22
C ALA B 346 -13.63 22.14 -79.43
N HIS B 347 -13.86 23.44 -79.19
CA HIS B 347 -13.74 24.43 -80.29
C HIS B 347 -12.35 24.30 -80.91
N GLY B 348 -12.31 24.02 -82.22
CA GLY B 348 -11.17 23.35 -82.86
C GLY B 348 -11.60 22.01 -83.41
N SER B 349 -10.71 21.02 -83.38
CA SER B 349 -10.96 19.68 -83.96
C SER B 349 -12.46 19.35 -83.90
N PRO B 350 -13.21 19.43 -85.02
CA PRO B 350 -14.64 19.17 -84.99
C PRO B 350 -14.91 17.70 -84.75
N ASP B 351 -13.90 16.86 -84.98
CA ASP B 351 -14.06 15.38 -84.92
C ASP B 351 -13.77 14.90 -83.50
N VAL B 352 -12.51 15.00 -83.07
CA VAL B 352 -12.07 14.42 -81.77
C VAL B 352 -13.21 14.58 -80.75
N ASN B 353 -13.88 13.47 -80.41
CA ASN B 353 -14.78 13.48 -79.22
C ASN B 353 -13.92 13.60 -77.97
N VAL B 354 -14.20 14.63 -77.19
CA VAL B 354 -13.45 14.90 -75.95
C VAL B 354 -14.23 14.57 -74.66
N ALA B 355 -15.46 14.04 -74.75
CA ALA B 355 -16.26 13.71 -73.59
C ALA B 355 -15.66 12.55 -72.79
N MET B 356 -15.03 12.85 -71.65
CA MET B 356 -14.58 11.84 -70.69
C MET B 356 -15.76 11.46 -69.78
N LEU B 357 -16.58 10.48 -70.17
CA LEU B 357 -17.75 10.13 -69.37
C LEU B 357 -17.35 9.52 -68.02
N ILE B 358 -18.00 9.97 -66.96
CA ILE B 358 -17.99 9.33 -65.65
C ILE B 358 -19.12 8.29 -65.58
N THR B 359 -20.19 8.51 -66.36
CA THR B 359 -21.26 7.53 -66.63
C THR B 359 -20.96 6.81 -67.95
N PRO B 360 -20.17 5.73 -67.99
CA PRO B 360 -19.77 5.08 -69.25
C PRO B 360 -20.92 4.25 -69.83
N ASN B 361 -20.89 4.09 -71.16
CA ASN B 361 -21.95 3.51 -71.97
C ASN B 361 -23.35 3.93 -71.49
N PRO B 362 -23.73 5.21 -71.56
CA PRO B 362 -25.04 5.64 -71.13
C PRO B 362 -26.12 4.96 -71.96
N ILE B 363 -27.17 4.48 -71.29
CA ILE B 363 -28.26 3.72 -71.87
C ILE B 363 -29.57 4.34 -71.42
N ILE B 364 -30.56 4.46 -72.30
CA ILE B 364 -31.95 4.70 -71.90
C ILE B 364 -32.69 3.39 -71.99
N GLU B 365 -33.53 3.13 -71.00
CA GLU B 365 -34.40 1.96 -70.88
C GLU B 365 -35.77 2.41 -70.39
N ASN B 366 -36.78 1.55 -70.44
CA ASN B 366 -38.06 1.92 -69.85
C ASN B 366 -37.90 2.17 -68.33
N ASN B 367 -38.64 3.16 -67.82
CA ASN B 367 -38.56 3.72 -66.47
C ASN B 367 -37.25 4.45 -66.07
N GLY B 368 -36.22 4.57 -66.93
CA GLY B 368 -35.07 5.44 -66.62
C GLY B 368 -33.83 5.30 -67.52
N GLY B 369 -32.89 6.24 -67.35
CA GLY B 369 -31.55 6.17 -67.96
C GLY B 369 -30.95 7.51 -68.43
N GLY B 370 -31.70 8.61 -68.34
CA GLY B 370 -31.33 9.88 -68.96
C GLY B 370 -30.09 10.60 -68.41
N PHE B 371 -29.61 10.29 -67.21
CA PHE B 371 -28.55 11.06 -66.58
C PHE B 371 -27.17 10.76 -67.17
N ILE B 372 -26.36 11.78 -67.45
CA ILE B 372 -24.98 11.63 -67.91
C ILE B 372 -24.10 12.56 -67.10
N GLU B 373 -22.96 12.08 -66.64
CA GLU B 373 -21.91 12.90 -66.06
C GLU B 373 -20.63 12.72 -66.86
N MET B 374 -19.88 13.81 -67.05
CA MET B 374 -18.67 13.83 -67.85
C MET B 374 -17.69 14.89 -67.39
N GLN B 375 -16.43 14.75 -67.75
CA GLN B 375 -15.39 15.76 -67.54
C GLN B 375 -14.89 16.25 -68.91
N LEU B 376 -14.57 17.53 -69.03
CA LEU B 376 -14.25 18.20 -70.31
C LEU B 376 -12.97 19.04 -70.20
N PRO B 377 -12.24 19.26 -71.30
CA PRO B 377 -11.05 20.10 -71.30
C PRO B 377 -11.43 21.58 -71.12
N PRO B 378 -10.61 22.39 -70.44
CA PRO B 378 -10.85 23.83 -70.25
C PRO B 378 -11.08 24.60 -71.55
N GLY B 379 -11.85 25.69 -71.46
CA GLY B 379 -12.27 26.51 -72.59
C GLY B 379 -13.62 26.10 -73.18
N ASP B 380 -13.91 26.62 -74.37
CA ASP B 380 -15.20 26.42 -75.05
C ASP B 380 -15.29 25.04 -75.72
N ASN B 381 -16.44 24.40 -75.59
CA ASN B 381 -16.81 23.07 -76.08
C ASN B 381 -18.26 23.09 -76.56
N ILE B 382 -18.68 22.13 -77.38
CA ILE B 382 -20.10 21.87 -77.63
C ILE B 382 -20.41 20.44 -77.22
N ILE B 383 -21.39 20.26 -76.36
CA ILE B 383 -21.94 18.96 -75.98
C ILE B 383 -23.03 18.61 -76.99
N TYR B 384 -23.10 17.35 -77.43
CA TYR B 384 -24.14 16.81 -78.30
C TYR B 384 -24.76 15.58 -77.68
N VAL B 385 -26.07 15.45 -77.78
CA VAL B 385 -26.81 14.24 -77.45
C VAL B 385 -27.74 13.93 -78.61
N GLY B 386 -27.15 13.42 -79.69
CA GLY B 386 -27.79 13.41 -81.00
C GLY B 386 -27.96 14.81 -81.56
N GLU B 387 -29.20 15.20 -81.83
CA GLU B 387 -29.59 16.53 -82.29
C GLU B 387 -29.86 17.54 -81.17
N LEU B 388 -29.84 17.15 -79.89
CA LEU B 388 -29.58 18.12 -78.83
C LEU B 388 -28.14 18.57 -78.91
N SER B 389 -27.93 19.85 -78.67
CA SER B 389 -26.61 20.40 -78.39
C SER B 389 -26.70 21.48 -77.32
N HIS B 390 -25.56 21.75 -76.69
CA HIS B 390 -25.40 22.80 -75.72
C HIS B 390 -23.96 23.29 -75.74
N GLN B 391 -23.74 24.58 -75.95
CA GLN B 391 -22.41 25.16 -75.87
C GLN B 391 -21.97 25.23 -74.42
N TRP B 392 -20.74 24.84 -74.12
CA TRP B 392 -20.22 24.76 -72.77
C TRP B 392 -18.89 25.49 -72.65
N PHE B 393 -18.72 26.33 -71.65
CA PHE B 393 -17.41 26.88 -71.32
C PHE B 393 -16.89 26.30 -70.00
N GLN B 394 -15.71 25.69 -70.04
CA GLN B 394 -15.11 24.99 -68.92
C GLN B 394 -14.00 25.84 -68.28
N LYS B 395 -14.08 26.05 -66.97
CA LYS B 395 -13.14 26.84 -66.17
C LYS B 395 -11.69 26.35 -66.29
N GLY B 396 -10.73 27.24 -66.12
CA GLY B 396 -9.29 26.94 -66.16
C GLY B 396 -8.82 25.98 -65.07
N SER C 1 20.11 13.79 59.55
CA SER C 1 20.40 14.59 58.33
C SER C 1 20.15 13.76 57.09
N ARG C 2 19.02 14.00 56.42
CA ARG C 2 18.62 13.46 55.12
C ARG C 2 19.74 13.53 54.10
N CYS C 3 20.53 14.60 54.03
CA CYS C 3 21.54 14.67 52.97
C CYS C 3 22.74 13.75 53.21
N THR C 4 22.88 13.11 54.37
CA THR C 4 23.84 11.99 54.52
C THR C 4 23.36 10.71 53.82
N HIS C 5 22.05 10.52 53.62
CA HIS C 5 21.47 9.37 52.95
C HIS C 5 21.68 9.34 51.45
N LEU C 6 22.37 10.31 50.87
CA LEU C 6 22.49 10.50 49.44
C LEU C 6 23.93 10.79 49.09
N GLU C 7 24.39 10.27 47.96
CA GLU C 7 25.75 10.53 47.47
C GLU C 7 25.81 11.70 46.49
N ASN C 8 24.68 12.39 46.30
CA ASN C 8 24.64 13.74 45.74
C ASN C 8 24.20 14.71 46.84
N ARG C 9 25.03 15.72 47.12
CA ARG C 9 24.81 16.73 48.16
C ARG C 9 25.49 18.03 47.78
N ASP C 10 24.96 19.13 48.29
CA ASP C 10 25.59 20.44 48.19
C ASP C 10 25.55 21.19 49.52
N PHE C 11 26.55 22.04 49.76
CA PHE C 11 26.68 22.85 50.96
C PHE C 11 26.63 24.33 50.61
N VAL C 12 25.69 25.05 51.20
CA VAL C 12 25.48 26.49 51.00
C VAL C 12 25.83 27.24 52.28
N THR C 13 26.64 28.30 52.21
CA THR C 13 27.11 29.02 53.40
C THR C 13 26.88 30.53 53.35
N GLY C 14 26.03 31.03 54.25
CA GLY C 14 25.82 32.45 54.50
C GLY C 14 26.63 33.00 55.69
N THR C 15 26.94 34.28 55.66
CA THR C 15 27.49 35.04 56.80
C THR C 15 26.40 35.38 57.82
N GLN C 16 26.79 35.98 58.95
CA GLN C 16 25.87 36.40 60.03
C GLN C 16 24.76 37.34 59.53
N GLY C 17 25.05 38.17 58.53
CA GLY C 17 24.11 39.09 57.88
C GLY C 17 23.54 38.54 56.57
N THR C 18 22.80 37.43 56.63
CA THR C 18 22.15 36.82 55.45
C THR C 18 20.66 36.54 55.65
N THR C 19 19.93 36.60 54.53
CA THR C 19 18.48 36.48 54.43
C THR C 19 18.18 36.04 52.99
N ARG C 20 17.08 35.30 52.73
CA ARG C 20 16.63 34.90 51.38
C ARG C 20 17.73 34.32 50.48
N VAL C 21 18.14 33.08 50.74
CA VAL C 21 19.06 32.27 49.91
C VAL C 21 18.36 31.72 48.66
N THR C 22 18.94 31.86 47.46
CA THR C 22 18.33 31.36 46.21
C THR C 22 18.97 30.07 45.72
N LEU C 23 18.16 29.02 45.54
CA LEU C 23 18.60 27.64 45.26
C LEU C 23 17.96 27.07 44.01
N VAL C 24 18.65 26.16 43.33
CA VAL C 24 18.01 25.14 42.48
C VAL C 24 17.96 23.83 43.25
N LEU C 25 16.78 23.25 43.42
CA LEU C 25 16.57 21.96 44.04
C LEU C 25 16.29 20.92 42.95
N GLU C 26 16.99 19.80 42.94
CA GLU C 26 16.86 18.76 41.92
C GLU C 26 16.36 17.47 42.53
N LEU C 27 15.59 16.67 41.80
CA LEU C 27 15.17 15.37 42.27
C LEU C 27 16.39 14.46 42.45
N GLY C 28 16.48 13.77 43.58
CA GLY C 28 17.65 12.96 43.94
C GLY C 28 18.90 13.74 44.36
N GLY C 29 18.84 15.08 44.40
CA GLY C 29 19.78 15.92 45.13
C GLY C 29 19.29 16.19 46.56
N CYS C 30 20.12 16.90 47.34
CA CYS C 30 19.77 17.46 48.63
C CYS C 30 20.73 18.58 48.96
N VAL C 31 20.25 19.67 49.57
CA VAL C 31 21.10 20.83 49.95
C VAL C 31 21.14 20.96 51.45
N THR C 32 22.34 21.06 52.03
CA THR C 32 22.50 21.52 53.42
C THR C 32 22.87 23.01 53.40
N ILE C 33 22.07 23.82 54.08
CA ILE C 33 22.23 25.27 54.17
C ILE C 33 22.76 25.62 55.55
N THR C 34 23.80 26.43 55.60
CA THR C 34 24.52 26.84 56.81
C THR C 34 24.59 28.35 56.85
N ALA C 35 24.40 28.97 58.00
CA ALA C 35 24.66 30.39 58.18
C ALA C 35 25.12 30.70 59.61
N GLU C 36 26.08 31.60 59.77
CA GLU C 36 26.69 31.89 61.08
C GLU C 36 25.64 32.35 62.11
N GLY C 37 25.59 31.69 63.26
CA GLY C 37 24.59 31.97 64.29
C GLY C 37 23.17 31.50 63.99
N LYS C 38 22.95 30.75 62.90
CA LYS C 38 21.68 30.09 62.56
C LYS C 38 21.84 28.57 62.60
N PRO C 39 20.82 27.80 63.02
CA PRO C 39 20.83 26.36 62.82
C PRO C 39 20.96 26.05 61.34
N SER C 40 21.70 24.99 60.98
CA SER C 40 21.75 24.52 59.60
C SER C 40 20.51 23.70 59.25
N MET C 41 20.19 23.62 57.96
CA MET C 41 18.94 23.07 57.42
C MET C 41 19.25 22.13 56.28
N ASP C 42 18.58 20.98 56.19
CA ASP C 42 18.58 20.19 54.96
C ASP C 42 17.28 20.50 54.21
N VAL C 43 17.40 20.93 52.96
CA VAL C 43 16.28 21.27 52.07
C VAL C 43 16.39 20.45 50.80
N TRP C 44 15.32 19.79 50.37
CA TRP C 44 15.32 19.04 49.12
C TRP C 44 13.96 19.07 48.42
N LEU C 45 14.00 18.97 47.09
CA LEU C 45 12.85 18.66 46.26
C LEU C 45 12.52 17.18 46.42
N ASP C 46 11.45 16.88 47.11
CA ASP C 46 11.01 15.52 47.40
C ASP C 46 10.39 14.85 46.18
N SER C 47 9.52 15.54 45.45
CA SER C 47 8.76 14.99 44.33
C SER C 47 8.26 16.09 43.41
N ILE C 48 8.00 15.76 42.15
CA ILE C 48 7.18 16.54 41.21
C ILE C 48 6.09 15.61 40.65
N TYR C 49 4.82 15.89 40.86
CA TYR C 49 3.76 14.96 40.44
C TYR C 49 2.45 15.66 40.06
N GLN C 50 1.55 14.93 39.40
CA GLN C 50 0.17 15.37 39.20
C GLN C 50 -0.78 14.20 39.43
N GLU C 51 -1.92 14.46 40.04
CA GLU C 51 -3.05 13.53 40.07
C GLU C 51 -3.71 13.44 38.69
N ASN C 52 -3.74 12.25 38.08
CA ASN C 52 -4.47 11.99 36.83
C ASN C 52 -4.15 12.95 35.66
N PRO C 53 -2.88 13.13 35.25
CA PRO C 53 -2.53 13.98 34.12
C PRO C 53 -3.28 13.58 32.83
N ALA C 54 -3.59 14.54 31.99
CA ALA C 54 -4.47 14.34 30.84
C ALA C 54 -3.92 13.30 29.89
N LYS C 55 -4.71 12.24 29.61
CA LYS C 55 -4.39 11.27 28.56
C LYS C 55 -4.29 12.01 27.24
N THR C 56 -3.21 11.80 26.52
CA THR C 56 -3.05 12.28 25.15
C THR C 56 -3.35 11.14 24.17
N ARG C 57 -2.54 10.97 23.14
CA ARG C 57 -2.59 9.88 22.17
C ARG C 57 -2.27 8.52 22.80
N GLU C 58 -3.14 7.54 22.63
CA GLU C 58 -2.82 6.12 22.81
C GLU C 58 -2.17 5.57 21.56
N TYR C 59 -1.20 4.67 21.69
CA TYR C 59 -0.70 3.87 20.58
C TYR C 59 -1.03 2.40 20.78
N CYS C 60 -1.18 1.67 19.68
CA CYS C 60 -1.40 0.22 19.67
C CYS C 60 -0.10 -0.49 19.34
N LEU C 61 0.31 -1.46 20.15
CA LEU C 61 1.57 -2.18 20.03
C LEU C 61 1.44 -3.48 19.23
N HIS C 62 0.25 -4.05 19.15
CA HIS C 62 -0.01 -5.31 18.50
C HIS C 62 -1.45 -5.33 17.99
N ALA C 63 -1.64 -5.49 16.68
CA ALA C 63 -2.95 -5.54 16.05
C ALA C 63 -3.59 -6.91 16.19
N LYS C 64 -4.91 -6.94 16.33
CA LYS C 64 -5.71 -8.16 16.23
C LYS C 64 -6.50 -8.11 14.92
N LEU C 65 -6.13 -8.99 14.00
CA LEU C 65 -6.53 -8.89 12.57
C LEU C 65 -7.61 -9.95 12.30
N SER C 66 -8.63 -9.57 11.53
CA SER C 66 -9.81 -10.45 11.33
C SER C 66 -10.51 -10.09 10.01
N ASP C 67 -11.51 -10.87 9.63
CA ASP C 67 -12.39 -10.53 8.48
C ASP C 67 -11.54 -10.05 7.30
N THR C 68 -10.53 -10.84 6.92
CA THR C 68 -9.86 -10.61 5.62
C THR C 68 -10.86 -10.95 4.53
N LYS C 69 -11.26 -9.95 3.75
CA LYS C 69 -12.23 -10.16 2.65
C LYS C 69 -11.55 -9.76 1.34
N VAL C 70 -11.79 -10.53 0.27
CA VAL C 70 -11.20 -10.18 -1.04
C VAL C 70 -12.31 -10.04 -2.07
N ALA C 71 -12.16 -9.07 -2.96
CA ALA C 71 -12.94 -8.97 -4.19
C ALA C 71 -11.98 -8.69 -5.34
N ALA C 72 -12.21 -9.29 -6.51
CA ALA C 72 -11.39 -9.09 -7.70
C ALA C 72 -12.24 -9.06 -8.99
N ARG C 73 -11.73 -8.41 -10.04
CA ARG C 73 -12.40 -8.23 -11.34
C ARG C 73 -11.50 -8.52 -12.53
N CYS C 74 -12.10 -8.90 -13.65
CA CYS C 74 -11.39 -9.13 -14.90
C CYS C 74 -10.92 -7.84 -15.58
N PRO C 75 -9.86 -7.86 -16.41
CA PRO C 75 -9.14 -6.65 -16.81
C PRO C 75 -9.96 -5.52 -17.45
N THR C 76 -11.11 -5.80 -18.08
CA THR C 76 -12.01 -4.76 -18.63
C THR C 76 -12.90 -4.09 -17.58
N MET C 77 -13.30 -4.79 -16.52
CA MET C 77 -14.43 -4.38 -15.66
C MET C 77 -14.07 -3.31 -14.59
N GLY C 78 -12.91 -2.67 -14.70
CA GLY C 78 -12.52 -1.61 -13.77
C GLY C 78 -12.35 -2.10 -12.32
N PRO C 79 -12.69 -1.29 -11.32
CA PRO C 79 -12.36 -1.52 -9.92
C PRO C 79 -13.20 -2.60 -9.24
N ALA C 80 -12.55 -3.53 -8.54
CA ALA C 80 -13.19 -4.42 -7.57
C ALA C 80 -13.53 -3.67 -6.27
N THR C 81 -14.56 -4.07 -5.52
CA THR C 81 -15.04 -3.29 -4.36
C THR C 81 -15.57 -4.13 -3.20
N LEU C 82 -15.43 -3.62 -1.98
CA LEU C 82 -15.93 -4.20 -0.72
C LEU C 82 -16.57 -3.11 0.14
N ALA C 83 -17.66 -3.40 0.84
CA ALA C 83 -18.26 -2.48 1.82
C ALA C 83 -17.27 -2.15 2.97
N GLU C 84 -16.39 -3.12 3.25
CA GLU C 84 -15.27 -2.92 4.19
C GLU C 84 -14.59 -1.58 3.91
N GLU C 85 -14.28 -1.30 2.63
CA GLU C 85 -13.51 -0.10 2.29
C GLU C 85 -14.04 1.17 2.96
N HIS C 86 -15.31 1.15 3.40
CA HIS C 86 -16.04 2.30 3.94
C HIS C 86 -16.42 2.13 5.41
N GLN C 87 -16.35 0.92 5.95
CA GLN C 87 -16.52 0.65 7.37
C GLN C 87 -15.40 1.27 8.21
N SER C 88 -15.68 1.46 9.50
CA SER C 88 -14.71 1.81 10.53
C SER C 88 -13.85 0.60 10.95
N GLY C 89 -12.63 0.82 11.42
CA GLY C 89 -11.82 -0.24 12.02
C GLY C 89 -11.32 -1.32 11.05
N THR C 90 -11.16 -0.99 9.77
CA THR C 90 -10.61 -1.88 8.74
C THR C 90 -9.31 -1.33 8.17
N VAL C 91 -8.43 -2.21 7.73
CA VAL C 91 -7.30 -1.89 6.85
C VAL C 91 -7.58 -2.52 5.50
N CYS C 92 -7.34 -1.80 4.41
CA CYS C 92 -7.54 -2.28 3.05
C CYS C 92 -6.34 -1.98 2.16
N LYS C 93 -6.12 -2.81 1.14
CA LYS C 93 -5.24 -2.51 0.03
C LYS C 93 -5.91 -2.84 -1.28
N ARG C 94 -5.69 -1.99 -2.28
CA ARG C 94 -6.11 -2.14 -3.68
C ARG C 94 -4.88 -2.34 -4.54
N ASP C 95 -4.92 -3.33 -5.42
CA ASP C 95 -3.78 -3.71 -6.25
C ASP C 95 -4.24 -4.32 -7.58
N GLN C 96 -3.29 -4.59 -8.48
CA GLN C 96 -3.50 -5.27 -9.75
C GLN C 96 -2.92 -6.68 -9.75
N SER C 97 -3.75 -7.66 -10.08
CA SER C 97 -3.41 -9.09 -10.14
C SER C 97 -3.41 -9.57 -11.58
N ASP C 98 -2.41 -10.32 -12.04
CA ASP C 98 -2.48 -10.93 -13.38
C ASP C 98 -3.66 -11.90 -13.51
N ARG C 99 -4.40 -11.78 -14.61
CA ARG C 99 -5.57 -12.59 -14.94
C ARG C 99 -5.46 -13.09 -16.38
N GLY C 100 -6.26 -14.09 -16.72
CA GLY C 100 -6.30 -14.71 -18.03
C GLY C 100 -7.35 -15.78 -18.08
N TRP C 101 -7.45 -16.46 -19.21
CA TRP C 101 -8.30 -17.65 -19.32
C TRP C 101 -7.84 -18.68 -18.28
N GLY C 102 -8.78 -19.44 -17.72
CA GLY C 102 -8.43 -20.39 -16.66
C GLY C 102 -8.20 -19.83 -15.25
N ASN C 103 -7.84 -18.55 -15.19
CA ASN C 103 -8.02 -17.71 -13.97
C ASN C 103 -9.50 -17.35 -13.88
N HIS C 104 -10.33 -18.19 -14.50
CA HIS C 104 -11.80 -17.96 -14.59
C HIS C 104 -12.05 -16.48 -14.89
N CYS C 105 -11.61 -16.10 -16.08
CA CYS C 105 -11.61 -14.72 -16.57
C CYS C 105 -11.48 -14.63 -18.10
N GLY C 106 -12.17 -13.69 -18.73
CA GLY C 106 -12.29 -13.62 -20.19
C GLY C 106 -11.01 -13.25 -20.95
N LEU C 107 -10.13 -12.43 -20.38
CA LEU C 107 -9.06 -11.75 -21.10
C LEU C 107 -7.73 -11.81 -20.33
N PHE C 108 -6.61 -11.89 -21.04
CA PHE C 108 -5.27 -11.84 -20.45
C PHE C 108 -4.82 -10.40 -20.19
N GLY C 109 -4.58 -10.05 -18.94
CA GLY C 109 -4.17 -8.71 -18.52
C GLY C 109 -4.03 -8.61 -17.00
N LYS C 110 -4.21 -7.41 -16.43
CA LYS C 110 -4.20 -7.17 -14.98
C LYS C 110 -5.58 -6.77 -14.47
N GLY C 111 -6.14 -7.54 -13.56
CA GLY C 111 -7.43 -7.33 -12.93
C GLY C 111 -7.31 -6.60 -11.59
N SER C 112 -8.23 -5.69 -11.31
CA SER C 112 -8.28 -5.02 -10.01
C SER C 112 -8.63 -6.01 -8.91
N ILE C 113 -7.88 -5.99 -7.81
CA ILE C 113 -8.12 -6.76 -6.61
C ILE C 113 -8.10 -5.82 -5.42
N VAL C 114 -9.03 -6.01 -4.49
CA VAL C 114 -9.07 -5.29 -3.22
C VAL C 114 -9.21 -6.28 -2.09
N THR C 115 -8.46 -6.08 -1.03
CA THR C 115 -8.52 -6.88 0.19
C THR C 115 -8.70 -5.96 1.39
N CYS C 116 -9.50 -6.41 2.36
CA CYS C 116 -9.72 -5.60 3.58
C CYS C 116 -9.67 -6.49 4.83
N VAL C 117 -8.91 -6.07 5.83
CA VAL C 117 -8.78 -6.81 7.13
C VAL C 117 -9.32 -5.93 8.26
N LYS C 118 -10.24 -6.49 9.07
CA LYS C 118 -10.73 -5.80 10.28
C LYS C 118 -9.63 -5.83 11.35
N ALA C 119 -9.34 -4.70 11.98
CA ALA C 119 -8.08 -4.54 12.71
C ALA C 119 -8.26 -3.75 14.02
N SER C 120 -8.63 -4.44 15.10
CA SER C 120 -8.66 -3.88 16.45
C SER C 120 -7.28 -3.97 17.13
N CYS C 121 -7.13 -3.43 18.33
CA CYS C 121 -5.90 -3.60 19.10
C CYS C 121 -5.99 -4.85 20.00
N GLU C 122 -4.89 -5.57 20.13
CA GLU C 122 -4.79 -6.73 21.01
C GLU C 122 -4.98 -6.31 22.47
N ALA C 123 -5.59 -7.18 23.29
CA ALA C 123 -5.96 -6.82 24.66
C ALA C 123 -4.72 -6.43 25.49
N LYS C 124 -4.79 -5.28 26.17
CA LYS C 124 -3.73 -4.71 27.01
C LYS C 124 -2.40 -4.44 26.29
N LYS C 125 -2.40 -4.32 24.96
CA LYS C 125 -1.23 -3.96 24.14
C LYS C 125 -1.26 -2.50 23.71
N LYS C 126 -1.64 -1.60 24.62
CA LYS C 126 -1.65 -0.14 24.44
C LYS C 126 -0.46 0.54 25.11
N ALA C 127 0.16 1.50 24.44
CA ALA C 127 1.05 2.49 25.06
C ALA C 127 0.32 3.83 25.16
N THR C 128 -0.22 4.17 26.33
CA THR C 128 -0.91 5.45 26.56
C THR C 128 0.07 6.55 26.92
N GLY C 129 -0.05 7.74 26.35
CA GLY C 129 0.69 8.92 26.82
C GLY C 129 -0.14 9.78 27.76
N HIS C 130 0.48 10.42 28.74
CA HIS C 130 -0.13 11.46 29.59
C HIS C 130 0.69 12.75 29.55
N VAL C 131 0.05 13.90 29.72
CA VAL C 131 0.69 15.23 29.69
C VAL C 131 0.42 15.99 30.99
N TYR C 132 1.43 16.66 31.53
CA TYR C 132 1.30 17.48 32.74
C TYR C 132 0.67 18.85 32.47
N ASP C 133 -0.07 19.34 33.45
CA ASP C 133 -0.67 20.67 33.47
C ASP C 133 0.02 21.54 34.53
N ALA C 134 0.65 22.65 34.14
CA ALA C 134 1.23 23.59 35.09
C ALA C 134 0.22 24.13 36.13
N ASN C 135 -1.08 24.10 35.86
CA ASN C 135 -2.11 24.50 36.81
C ASN C 135 -2.57 23.38 37.76
N LYS C 136 -2.05 22.15 37.64
CA LYS C 136 -2.37 21.03 38.53
C LYS C 136 -1.18 20.22 39.03
N ILE C 137 -0.01 20.41 38.45
CA ILE C 137 1.23 19.81 38.94
C ILE C 137 1.58 20.36 40.32
N VAL C 138 2.06 19.49 41.21
CA VAL C 138 2.56 19.80 42.54
C VAL C 138 4.05 19.54 42.57
N TYR C 139 4.85 20.55 42.90
CA TYR C 139 6.19 20.30 43.40
C TYR C 139 6.12 20.13 44.92
N THR C 140 6.86 19.20 45.50
CA THR C 140 6.96 19.05 46.95
C THR C 140 8.36 19.38 47.40
N VAL C 141 8.52 20.35 48.29
CA VAL C 141 9.79 20.66 48.93
C VAL C 141 9.71 20.27 50.39
N LYS C 142 10.74 19.59 50.88
CA LYS C 142 10.86 19.15 52.26
C LYS C 142 12.06 19.80 52.93
N VAL C 143 11.91 20.06 54.22
CA VAL C 143 12.92 20.69 55.07
C VAL C 143 13.05 19.91 56.36
N GLU C 144 14.27 19.73 56.85
CA GLU C 144 14.49 19.33 58.24
C GLU C 144 15.59 20.14 58.92
N PRO C 145 15.43 20.46 60.21
CA PRO C 145 16.47 21.10 60.98
C PRO C 145 17.61 20.11 61.14
N HIS C 146 18.84 20.58 60.97
CA HIS C 146 20.04 19.76 61.04
C HIS C 146 20.45 19.55 62.49
N THR C 147 19.58 18.92 63.26
CA THR C 147 19.78 18.60 64.68
C THR C 147 20.81 17.50 64.90
N GLY C 148 21.12 17.19 66.15
CA GLY C 148 21.94 16.04 66.52
C GLY C 148 21.20 14.71 66.55
N ASP C 149 20.14 14.54 65.79
CA ASP C 149 19.42 13.27 65.70
C ASP C 149 19.80 12.56 64.40
N TYR C 150 20.18 11.28 64.50
CA TYR C 150 20.33 10.41 63.35
C TYR C 150 19.14 9.48 63.26
N VAL C 151 18.58 9.40 62.05
CA VAL C 151 17.38 8.65 61.70
C VAL C 151 17.66 8.00 60.34
N ALA C 152 17.36 6.71 60.17
CA ALA C 152 17.77 6.04 58.91
C ALA C 152 16.87 6.47 57.76
N ALA C 153 17.22 6.06 56.53
CA ALA C 153 16.42 6.35 55.34
C ALA C 153 15.07 5.61 55.32
N ASN C 154 14.94 4.55 56.11
CA ASN C 154 13.63 3.87 56.23
C ASN C 154 12.87 4.46 57.43
N GLU C 155 13.40 5.54 58.01
CA GLU C 155 12.77 6.12 59.23
C GLU C 155 12.55 7.64 59.00
N THR C 156 11.70 8.27 59.84
CA THR C 156 11.30 9.67 59.62
C THR C 156 11.78 10.53 60.77
N HIS C 157 12.37 11.68 60.44
CA HIS C 157 12.79 12.69 61.40
C HIS C 157 11.56 13.46 61.92
N SER C 158 11.37 13.59 63.23
CA SER C 158 10.19 14.29 63.77
C SER C 158 10.17 15.80 63.46
N GLY C 159 11.33 16.40 63.18
CA GLY C 159 11.48 17.79 62.76
C GLY C 159 11.30 18.04 61.26
N ARG C 160 10.90 17.03 60.49
CA ARG C 160 10.68 17.13 59.04
C ARG C 160 9.38 17.88 58.73
N LYS C 161 9.46 18.89 57.87
CA LYS C 161 8.33 19.71 57.40
C LYS C 161 8.21 19.68 55.87
N THR C 162 7.00 19.80 55.37
CA THR C 162 6.68 19.68 53.93
C THR C 162 5.89 20.88 53.42
N ALA C 163 6.30 21.45 52.29
CA ALA C 163 5.57 22.47 51.55
C ALA C 163 5.28 22.03 50.11
N SER C 164 3.99 21.96 49.76
CA SER C 164 3.51 21.84 48.39
C SER C 164 3.54 23.18 47.65
N PHE C 165 4.11 23.21 46.46
CA PHE C 165 4.10 24.34 45.54
C PHE C 165 3.32 23.98 44.27
N THR C 166 2.02 24.24 44.31
CA THR C 166 1.18 24.46 43.13
C THR C 166 1.39 25.87 42.59
N VAL C 167 0.83 26.19 41.42
CA VAL C 167 0.84 27.56 40.87
C VAL C 167 0.05 28.56 41.73
N SER C 168 -0.95 28.06 42.45
CA SER C 168 -1.77 28.76 43.44
C SER C 168 -1.12 28.87 44.83
N SER C 169 0.16 28.55 44.99
CA SER C 169 0.88 28.58 46.26
C SER C 169 1.88 29.72 46.25
N GLU C 170 1.72 30.66 47.18
CA GLU C 170 2.62 31.79 47.42
C GLU C 170 3.65 31.48 48.53
N LYS C 171 4.45 32.47 48.95
CA LYS C 171 5.51 32.35 49.96
C LYS C 171 4.98 31.74 51.26
N THR C 172 5.45 30.55 51.57
CA THR C 172 4.92 29.64 52.59
C THR C 172 5.88 29.54 53.75
N ILE C 173 5.37 29.62 54.98
CA ILE C 173 6.17 29.60 56.20
C ILE C 173 5.99 28.29 56.95
N LEU C 174 7.10 27.62 57.25
CA LEU C 174 7.18 26.36 57.97
C LEU C 174 7.82 26.62 59.33
N THR C 175 7.11 26.26 60.40
CA THR C 175 7.63 26.39 61.77
C THR C 175 8.45 25.19 62.12
N MET C 176 9.77 25.34 62.16
CA MET C 176 10.75 24.33 62.49
C MET C 176 10.81 24.07 64.01
N GLY C 177 9.66 23.95 64.67
CA GLY C 177 9.55 23.76 66.12
C GLY C 177 10.32 24.83 66.91
N ASP C 178 11.24 24.38 67.76
CA ASP C 178 12.10 25.22 68.58
C ASP C 178 13.19 25.97 67.79
N TYR C 179 13.36 25.70 66.50
CA TYR C 179 14.35 26.34 65.64
C TYR C 179 13.80 27.57 64.90
N GLY C 180 12.60 28.06 65.26
CA GLY C 180 11.96 29.21 64.61
C GLY C 180 11.19 28.86 63.34
N ASP C 181 11.24 29.73 62.33
CA ASP C 181 10.54 29.59 61.05
C ASP C 181 11.48 29.64 59.86
N VAL C 182 11.18 28.87 58.83
CA VAL C 182 11.77 29.00 57.50
C VAL C 182 10.66 29.38 56.51
N SER C 183 10.97 30.19 55.51
CA SER C 183 10.02 30.56 54.47
C SER C 183 10.51 30.11 53.11
N LEU C 184 9.62 29.65 52.26
CA LEU C 184 9.92 29.16 50.94
C LEU C 184 9.03 29.84 49.93
N LEU C 185 9.61 30.27 48.82
CA LEU C 185 8.88 30.59 47.61
C LEU C 185 9.57 29.92 46.44
N CYS C 186 8.96 28.85 45.93
CA CYS C 186 9.44 28.13 44.77
C CYS C 186 8.53 28.43 43.58
N ARG C 187 9.10 28.88 42.48
CA ARG C 187 8.34 29.33 41.32
C ARG C 187 8.14 28.16 40.36
N VAL C 188 6.92 27.64 40.25
CA VAL C 188 6.64 26.40 39.51
C VAL C 188 6.93 26.46 38.00
N ALA C 189 7.00 27.66 37.42
CA ALA C 189 7.48 27.86 36.05
C ALA C 189 9.01 27.88 35.93
N SER C 190 9.72 28.25 37.00
CA SER C 190 11.18 28.14 37.17
C SER C 190 11.57 26.71 37.54
N GLY C 191 11.11 25.73 36.76
CA GLY C 191 11.33 24.31 36.97
C GLY C 191 11.39 23.52 35.66
N VAL C 192 10.65 22.42 35.58
CA VAL C 192 10.59 21.50 34.42
C VAL C 192 9.82 22.10 33.22
N ASP C 193 10.17 21.67 32.00
CA ASP C 193 9.49 21.97 30.73
C ASP C 193 8.31 21.03 30.46
N LEU C 194 7.14 21.35 31.03
CA LEU C 194 5.97 20.46 31.03
C LEU C 194 5.28 20.31 29.67
N ALA C 195 5.47 21.25 28.75
CA ALA C 195 5.01 21.14 27.37
C ALA C 195 5.80 20.08 26.58
N GLN C 196 7.11 19.97 26.83
CA GLN C 196 8.03 19.05 26.16
C GLN C 196 7.95 17.60 26.68
N THR C 197 7.15 17.34 27.72
CA THR C 197 7.22 16.11 28.53
C THR C 197 5.95 15.28 28.45
N VAL C 198 6.07 14.00 28.14
CA VAL C 198 4.98 13.01 28.18
C VAL C 198 5.36 11.89 29.16
N ILE C 199 4.42 11.44 29.98
CA ILE C 199 4.58 10.21 30.75
C ILE C 199 4.04 9.04 29.90
N LEU C 200 4.94 8.26 29.30
CA LEU C 200 4.58 7.06 28.54
C LEU C 200 4.26 5.91 29.49
N GLU C 201 3.11 5.28 29.36
CA GLU C 201 2.67 4.18 30.22
C GLU C 201 2.21 2.97 29.41
N LEU C 202 2.71 1.77 29.71
CA LEU C 202 2.27 0.49 29.14
C LEU C 202 1.26 -0.20 30.09
N ASP C 203 1.28 -1.53 30.19
CA ASP C 203 0.56 -2.28 31.21
C ASP C 203 1.13 -2.01 32.62
N LYS C 204 0.37 -1.35 33.49
CA LYS C 204 0.76 -1.09 34.90
C LYS C 204 1.06 -2.37 35.68
N THR C 205 0.46 -3.49 35.29
CA THR C 205 0.59 -4.79 35.96
C THR C 205 1.80 -5.60 35.51
N SER C 206 2.59 -5.09 34.55
CA SER C 206 3.83 -5.74 34.10
C SER C 206 4.85 -5.83 35.25
N GLU C 207 5.11 -7.04 35.74
CA GLU C 207 5.91 -7.24 36.96
C GLU C 207 7.40 -6.92 36.76
N HIS C 208 7.88 -7.03 35.52
CA HIS C 208 9.28 -6.86 35.15
C HIS C 208 9.47 -5.70 34.18
N LEU C 209 8.72 -4.61 34.36
CA LEU C 209 8.95 -3.34 33.67
C LEU C 209 8.73 -2.13 34.60
N PRO C 210 9.36 -0.98 34.29
CA PRO C 210 8.97 0.32 34.82
C PRO C 210 7.46 0.59 34.70
N THR C 211 6.88 1.30 35.67
CA THR C 211 5.47 1.74 35.59
C THR C 211 5.23 2.69 34.43
N ALA C 212 6.21 3.54 34.13
CA ALA C 212 6.15 4.50 33.05
C ALA C 212 7.55 5.02 32.71
N TRP C 213 7.66 5.79 31.64
CA TRP C 213 8.87 6.47 31.21
C TRP C 213 8.57 7.95 30.97
N GLN C 214 9.50 8.83 31.29
CA GLN C 214 9.43 10.24 30.96
C GLN C 214 10.03 10.46 29.58
N VAL C 215 9.21 10.78 28.56
CA VAL C 215 9.62 10.84 27.16
C VAL C 215 9.35 12.20 26.53
N HIS C 216 10.12 12.57 25.52
CA HIS C 216 9.98 13.84 24.83
C HIS C 216 8.73 13.89 23.95
N ARG C 217 8.01 15.01 23.94
CA ARG C 217 6.74 15.20 23.22
C ARG C 217 6.84 14.96 21.73
N ASP C 218 7.87 15.49 21.07
CA ASP C 218 8.03 15.30 19.62
C ASP C 218 8.31 13.83 19.30
N TRP C 219 9.24 13.21 20.03
CA TRP C 219 9.53 11.79 19.85
C TRP C 219 8.28 10.93 20.05
N PHE C 220 7.47 11.21 21.07
CA PHE C 220 6.25 10.46 21.29
C PHE C 220 5.30 10.60 20.10
N ASN C 221 5.12 11.80 19.56
CA ASN C 221 4.28 11.99 18.38
C ASN C 221 4.91 11.40 17.10
N ASP C 222 6.17 11.03 17.12
CA ASP C 222 6.88 10.32 16.04
C ASP C 222 6.92 8.80 16.21
N LEU C 223 6.35 8.22 17.27
CA LEU C 223 6.17 6.76 17.35
C LEU C 223 5.37 6.26 16.13
N ALA C 224 5.92 5.29 15.40
CA ALA C 224 5.40 4.85 14.12
C ALA C 224 4.45 3.65 14.27
N LEU C 225 3.30 3.87 14.89
CA LEU C 225 2.30 2.85 15.22
C LEU C 225 0.88 3.36 14.97
N PRO C 226 -0.15 2.50 14.97
CA PRO C 226 -1.55 2.93 14.97
C PRO C 226 -1.87 3.66 16.26
N TRP C 227 -2.71 4.69 16.22
CA TRP C 227 -2.96 5.52 17.38
C TRP C 227 -4.35 6.11 17.42
N LYS C 228 -4.85 6.43 18.60
CA LYS C 228 -6.15 7.07 18.78
C LYS C 228 -6.18 7.93 20.04
N HIS C 229 -7.07 8.90 20.12
CA HIS C 229 -7.26 9.66 21.36
C HIS C 229 -8.17 8.95 22.35
N GLU C 230 -8.13 9.39 23.59
CA GLU C 230 -9.02 8.91 24.65
C GLU C 230 -10.48 8.90 24.17
N GLY C 231 -11.18 7.78 24.37
CA GLY C 231 -12.59 7.62 24.02
C GLY C 231 -12.88 7.46 22.52
N ALA C 232 -11.93 7.72 21.62
CA ALA C 232 -12.09 7.42 20.20
C ALA C 232 -12.26 5.92 19.99
N GLN C 233 -13.09 5.51 19.02
CA GLN C 233 -13.50 4.10 18.92
C GLN C 233 -12.56 3.22 18.10
N ASN C 234 -11.78 3.80 17.17
CA ASN C 234 -10.99 3.02 16.22
C ASN C 234 -9.67 3.70 15.84
N TRP C 235 -8.67 2.89 15.54
CA TRP C 235 -7.28 3.28 15.38
C TRP C 235 -7.02 4.04 14.09
N ASN C 236 -6.37 5.17 14.17
CA ASN C 236 -5.79 5.82 13.00
C ASN C 236 -4.53 5.07 12.59
N ASN C 237 -4.23 5.01 11.29
CA ASN C 237 -3.02 4.40 10.74
C ASN C 237 -2.83 2.90 11.07
N ALA C 238 -3.92 2.13 11.19
CA ALA C 238 -3.89 0.69 11.46
C ALA C 238 -3.05 -0.10 10.43
N GLU C 239 -2.86 0.46 9.24
CA GLU C 239 -1.91 0.05 8.20
C GLU C 239 -0.51 -0.28 8.75
N ARG C 240 -0.04 0.44 9.77
CA ARG C 240 1.33 0.34 10.29
C ARG C 240 1.66 -1.02 10.92
N LEU C 241 0.66 -1.82 11.29
CA LEU C 241 0.82 -3.18 11.84
C LEU C 241 0.34 -4.28 10.89
N VAL C 242 0.11 -3.98 9.62
CA VAL C 242 -0.35 -4.94 8.62
C VAL C 242 0.48 -4.85 7.36
N GLU C 243 0.94 -6.01 6.88
CA GLU C 243 1.56 -6.11 5.53
C GLU C 243 0.65 -6.91 4.60
N PHE C 244 0.63 -6.54 3.33
CA PHE C 244 -0.15 -7.27 2.29
C PHE C 244 0.84 -7.99 1.37
N GLY C 245 0.68 -9.32 1.23
CA GLY C 245 1.55 -10.12 0.36
C GLY C 245 1.14 -10.03 -1.09
N ALA C 246 2.12 -9.94 -1.99
CA ALA C 246 1.93 -9.60 -3.42
C ALA C 246 0.75 -10.40 -4.02
N PRO C 247 -0.07 -9.78 -4.90
CA PRO C 247 -1.32 -10.40 -5.31
C PRO C 247 -1.09 -11.68 -6.10
N HIS C 248 -1.92 -12.69 -5.85
CA HIS C 248 -1.90 -13.93 -6.66
C HIS C 248 -3.33 -14.25 -7.15
N ALA C 249 -3.61 -13.89 -8.40
CA ALA C 249 -4.94 -14.14 -9.04
C ALA C 249 -6.04 -13.51 -8.20
N VAL C 250 -6.63 -14.28 -7.30
CA VAL C 250 -7.73 -13.78 -6.43
C VAL C 250 -7.28 -13.82 -4.96
N LYS C 251 -5.96 -13.72 -4.74
CA LYS C 251 -5.41 -13.64 -3.36
C LYS C 251 -4.52 -12.39 -3.24
N MET C 252 -4.54 -11.77 -2.05
CA MET C 252 -3.49 -10.87 -1.55
C MET C 252 -3.34 -11.13 -0.04
N ASP C 253 -2.11 -11.28 0.44
CA ASP C 253 -1.81 -12.05 1.68
C ASP C 253 -1.76 -11.11 2.89
N VAL C 254 -2.75 -11.18 3.77
CA VAL C 254 -2.79 -10.27 4.96
C VAL C 254 -1.91 -10.86 6.08
N TYR C 255 -0.85 -10.13 6.42
CA TYR C 255 0.11 -10.51 7.44
C TYR C 255 0.18 -9.50 8.60
N ASN C 256 -0.08 -9.98 9.81
CA ASN C 256 0.04 -9.26 11.06
C ASN C 256 1.51 -9.07 11.44
N LEU C 257 2.02 -7.85 11.45
CA LEU C 257 3.45 -7.57 11.57
C LEU C 257 4.03 -7.83 12.99
N GLY C 258 3.24 -8.41 13.88
CA GLY C 258 3.65 -8.87 15.20
C GLY C 258 3.65 -7.80 16.28
N ASP C 259 3.87 -8.23 17.51
CA ASP C 259 3.95 -7.36 18.68
C ASP C 259 5.21 -6.50 18.64
N HIS C 260 5.03 -5.18 18.61
CA HIS C 260 6.09 -4.18 18.60
C HIS C 260 6.53 -3.73 20.00
N THR C 261 6.03 -4.32 21.09
CA THR C 261 6.46 -3.99 22.46
C THR C 261 7.98 -3.97 22.61
N GLY C 262 8.69 -5.03 22.22
CA GLY C 262 10.16 -5.05 22.27
C GLY C 262 10.84 -3.98 21.42
N VAL C 263 10.20 -3.53 20.33
CA VAL C 263 10.73 -2.44 19.48
C VAL C 263 10.70 -1.14 20.26
N LEU C 264 9.59 -0.89 20.96
CA LEU C 264 9.45 0.24 21.86
C LEU C 264 10.45 0.14 23.01
N LEU C 265 10.47 -0.95 23.76
CA LEU C 265 11.38 -1.11 24.91
C LEU C 265 12.85 -0.96 24.53
N LYS C 266 13.31 -1.40 23.36
CA LYS C 266 14.67 -1.09 22.90
C LYS C 266 14.90 0.41 22.73
N SER C 267 13.93 1.14 22.18
CA SER C 267 13.98 2.60 22.06
C SER C 267 13.74 3.35 23.40
N LEU C 268 13.31 2.65 24.44
CA LEU C 268 13.20 3.12 25.83
C LEU C 268 14.30 2.58 26.77
N ALA C 269 15.31 1.88 26.26
CA ALA C 269 16.44 1.46 27.08
C ALA C 269 17.17 2.68 27.69
N GLY C 270 17.48 2.63 28.98
CA GLY C 270 18.14 3.72 29.72
C GLY C 270 17.33 5.01 29.93
N VAL C 271 16.15 5.15 29.32
CA VAL C 271 15.27 6.34 29.44
C VAL C 271 14.81 6.52 30.89
N PRO C 272 14.73 7.74 31.42
CA PRO C 272 14.25 7.99 32.78
C PRO C 272 12.87 7.40 33.03
N VAL C 273 12.75 6.61 34.09
CA VAL C 273 11.46 6.07 34.56
C VAL C 273 10.59 7.18 35.16
N ALA C 274 9.29 6.92 35.30
CA ALA C 274 8.37 7.70 36.09
C ALA C 274 7.56 6.75 36.98
N HIS C 275 7.44 7.04 38.27
CA HIS C 275 6.62 6.21 39.15
C HIS C 275 5.14 6.58 39.04
N ILE C 276 4.23 5.66 39.35
CA ILE C 276 2.79 5.91 39.36
C ILE C 276 2.23 5.36 40.67
N ASP C 277 2.08 6.22 41.68
CA ASP C 277 1.50 5.86 42.97
C ASP C 277 -0.03 5.97 42.89
N GLY C 278 -0.65 4.96 42.27
CA GLY C 278 -2.09 4.98 41.96
C GLY C 278 -2.42 6.11 40.98
N THR C 279 -3.15 7.11 41.42
CA THR C 279 -3.50 8.30 40.62
C THR C 279 -2.36 9.30 40.45
N LYS C 280 -1.32 9.30 41.28
CA LYS C 280 -0.22 10.27 41.22
C LYS C 280 0.87 9.83 40.24
N TYR C 281 1.13 10.62 39.21
CA TYR C 281 2.19 10.36 38.24
C TYR C 281 3.41 11.19 38.59
N HIS C 282 4.52 10.57 38.98
CA HIS C 282 5.71 11.24 39.50
C HIS C 282 6.83 11.31 38.47
N LEU C 283 7.39 12.48 38.22
CA LEU C 283 8.71 12.58 37.59
C LEU C 283 9.78 12.02 38.54
N LYS C 284 10.86 11.46 37.99
CA LYS C 284 12.05 11.06 38.74
C LYS C 284 13.32 11.84 38.37
N SER C 285 13.23 12.80 37.47
CA SER C 285 14.28 13.78 37.17
C SER C 285 13.67 15.13 36.80
N GLY C 286 14.42 16.21 36.99
CA GLY C 286 13.92 17.59 36.92
C GLY C 286 14.13 18.35 38.21
N HIS C 287 13.78 19.63 38.22
CA HIS C 287 14.20 20.59 39.24
C HIS C 287 13.22 21.73 39.44
N VAL C 288 13.42 22.52 40.49
CA VAL C 288 12.71 23.76 40.77
C VAL C 288 13.68 24.80 41.31
N THR C 289 13.34 26.09 41.21
CA THR C 289 14.11 27.19 41.79
C THR C 289 13.35 27.79 42.96
N CYS C 290 14.02 28.03 44.08
CA CYS C 290 13.43 28.56 45.30
C CYS C 290 14.23 29.71 45.89
N GLU C 291 13.56 30.53 46.67
CA GLU C 291 14.18 31.38 47.68
C GLU C 291 13.81 30.80 49.04
N VAL C 292 14.81 30.59 49.90
CA VAL C 292 14.67 30.10 51.28
C VAL C 292 14.98 31.26 52.23
N GLY C 293 14.07 31.59 53.15
CA GLY C 293 14.23 32.64 54.13
C GLY C 293 14.73 32.11 55.46
N LEU C 294 15.99 32.41 55.78
CA LEU C 294 16.66 31.98 57.01
C LEU C 294 16.45 32.94 58.17
N GLU C 295 16.00 34.16 57.88
CA GLU C 295 16.05 35.30 58.78
C GLU C 295 15.17 35.18 60.03
N LYS C 296 14.28 34.19 60.14
CA LYS C 296 13.48 33.92 61.35
C LYS C 296 13.77 32.58 62.04
N LEU C 297 14.93 31.96 61.73
CA LEU C 297 15.45 30.80 62.45
C LEU C 297 16.15 31.18 63.77
N LYS C 298 16.10 30.30 64.76
CA LYS C 298 16.67 30.44 66.11
C LYS C 298 17.65 29.30 66.44
N MET C 299 18.74 29.58 67.14
CA MET C 299 19.62 28.55 67.72
C MET C 299 19.00 27.95 68.98
N LYS C 300 18.80 26.64 69.03
CA LYS C 300 18.26 25.96 70.21
C LYS C 300 19.34 25.78 71.30
N GLY C 301 18.95 25.94 72.56
CA GLY C 301 19.74 25.58 73.75
C GLY C 301 21.09 26.27 73.91
N LEU C 302 21.33 27.45 73.35
CA LEU C 302 22.57 28.21 73.58
C LEU C 302 22.79 28.60 75.04
N THR C 303 21.76 28.51 75.88
CA THR C 303 21.77 28.79 77.32
C THR C 303 21.78 27.53 78.19
N TYR C 304 22.00 26.35 77.60
CA TYR C 304 22.16 25.09 78.32
C TYR C 304 23.56 24.98 78.97
N THR C 305 23.67 24.19 80.02
CA THR C 305 24.94 23.86 80.66
C THR C 305 25.85 23.14 79.68
N MET C 306 27.14 23.43 79.62
CA MET C 306 28.07 22.53 78.93
C MET C 306 28.03 21.15 79.62
N CYS C 307 28.10 20.07 78.85
CA CYS C 307 28.02 18.71 79.40
C CYS C 307 29.28 18.36 80.19
N ASP C 308 29.17 17.44 81.15
CA ASP C 308 30.30 16.88 81.89
C ASP C 308 31.25 16.11 80.98
N LYS C 309 32.45 16.63 80.72
CA LYS C 309 33.40 16.11 79.74
C LYS C 309 33.79 14.65 79.96
N THR C 310 33.58 14.10 81.15
CA THR C 310 33.89 12.71 81.47
C THR C 310 32.82 11.72 81.01
N LYS C 311 31.56 12.16 80.84
CA LYS C 311 30.39 11.26 80.78
C LYS C 311 29.97 10.80 79.37
N PHE C 312 30.83 10.97 78.38
CA PHE C 312 30.62 10.55 77.00
C PHE C 312 31.11 9.14 76.68
N THR C 313 30.44 8.44 75.77
CA THR C 313 30.91 7.24 75.06
C THR C 313 30.55 7.39 73.59
N TRP C 314 31.21 6.70 72.65
CA TRP C 314 30.66 6.61 71.31
C TRP C 314 29.41 5.72 71.31
N LYS C 315 28.43 6.04 70.46
CA LYS C 315 27.50 5.06 69.88
C LYS C 315 28.01 4.61 68.51
N ARG C 316 28.65 5.52 67.80
CA ARG C 316 29.14 5.33 66.45
C ARG C 316 30.38 6.16 66.27
N ILE C 317 31.50 5.49 66.04
CA ILE C 317 32.85 6.04 66.01
C ILE C 317 33.02 7.00 64.82
N PRO C 318 33.91 8.00 64.85
CA PRO C 318 34.15 8.89 63.73
C PRO C 318 34.40 8.17 62.42
N THR C 319 33.68 8.59 61.39
CA THR C 319 33.52 7.90 60.11
C THR C 319 33.52 8.90 58.98
N ASP C 320 34.18 8.61 57.87
CA ASP C 320 34.10 9.45 56.68
C ASP C 320 32.71 9.33 56.03
N SER C 321 32.01 10.43 55.76
CA SER C 321 30.71 10.41 55.08
C SER C 321 30.80 10.34 53.54
N GLY C 322 31.98 10.53 52.97
CA GLY C 322 32.21 10.65 51.52
C GLY C 322 32.05 12.07 50.98
N HIS C 323 31.50 12.98 51.77
CA HIS C 323 31.28 14.39 51.43
C HIS C 323 32.39 15.32 51.98
N ASP C 324 33.56 14.79 52.30
CA ASP C 324 34.64 15.40 53.11
C ASP C 324 34.29 15.70 54.57
N THR C 325 33.03 15.55 54.97
CA THR C 325 32.63 15.61 56.37
C THR C 325 32.94 14.30 57.07
N VAL C 326 33.15 14.39 58.37
CA VAL C 326 33.24 13.27 59.30
C VAL C 326 31.94 13.25 60.08
N VAL C 327 31.38 12.09 60.29
CA VAL C 327 30.17 11.88 61.08
C VAL C 327 30.48 10.98 62.26
N MET C 328 29.72 11.10 63.33
CA MET C 328 29.85 10.30 64.54
C MET C 328 28.57 10.37 65.35
N GLU C 329 28.39 9.53 66.34
CA GLU C 329 27.37 9.73 67.36
C GLU C 329 27.91 9.34 68.72
N VAL C 330 27.57 10.11 69.75
CA VAL C 330 27.97 9.88 71.14
C VAL C 330 26.77 9.66 72.02
N ALA C 331 26.89 8.80 73.01
CA ALA C 331 26.00 8.80 74.16
C ALA C 331 26.57 9.71 75.24
N PHE C 332 25.70 10.17 76.14
CA PHE C 332 26.06 10.91 77.33
C PHE C 332 25.29 10.37 78.53
N SER C 333 25.96 10.22 79.67
CA SER C 333 25.43 9.45 80.81
C SER C 333 24.90 10.31 81.99
N GLY C 334 25.02 11.63 81.96
CA GLY C 334 24.26 12.50 82.87
C GLY C 334 22.77 12.60 82.45
N THR C 335 21.86 12.71 83.40
CA THR C 335 20.39 12.72 83.16
C THR C 335 19.86 14.11 82.76
N LYS C 336 20.38 14.68 81.67
CA LYS C 336 20.40 16.12 81.41
C LYS C 336 20.17 16.49 79.94
N PRO C 337 19.65 17.70 79.67
CA PRO C 337 19.91 18.44 78.45
C PRO C 337 21.17 19.32 78.62
N CYS C 338 22.11 19.28 77.70
CA CYS C 338 23.38 19.99 77.84
C CYS C 338 24.06 20.21 76.49
N ARG C 339 24.97 21.18 76.39
CA ARG C 339 25.74 21.46 75.18
C ARG C 339 26.92 20.51 75.08
N ILE C 340 27.13 19.86 73.95
CA ILE C 340 28.23 18.92 73.80
C ILE C 340 29.55 19.71 73.67
N PRO C 341 30.59 19.39 74.45
CA PRO C 341 31.92 19.98 74.34
C PRO C 341 32.73 19.35 73.20
N VAL C 342 32.42 19.67 71.96
CA VAL C 342 33.08 19.09 70.77
C VAL C 342 34.18 19.98 70.26
N ARG C 343 35.35 19.41 69.95
CA ARG C 343 36.46 20.12 69.30
C ARG C 343 37.33 19.13 68.55
N ALA C 344 38.20 19.62 67.69
CA ALA C 344 39.22 18.79 67.05
C ALA C 344 40.52 19.55 66.88
N VAL C 345 41.63 18.84 66.85
CA VAL C 345 42.99 19.38 66.92
C VAL C 345 43.81 18.83 65.76
N ALA C 346 44.54 19.67 65.03
CA ALA C 346 45.58 19.19 64.12
C ALA C 346 46.68 18.54 64.94
N HIS C 347 47.06 17.29 64.65
CA HIS C 347 47.88 16.49 65.56
C HIS C 347 49.25 17.13 65.79
N GLY C 348 49.62 17.32 67.06
CA GLY C 348 50.84 18.04 67.45
C GLY C 348 50.67 19.55 67.66
N SER C 349 49.48 20.11 67.42
CA SER C 349 49.15 21.53 67.66
C SER C 349 47.86 21.68 68.47
N PRO C 350 47.86 21.43 69.80
CA PRO C 350 46.63 21.30 70.59
C PRO C 350 45.82 22.58 70.80
N ASP C 351 46.38 23.74 70.46
CA ASP C 351 45.82 25.04 70.80
C ASP C 351 44.70 25.49 69.84
N VAL C 352 44.90 25.31 68.54
CA VAL C 352 43.93 25.72 67.51
C VAL C 352 42.87 24.65 67.29
N ASN C 353 41.62 24.89 67.68
CA ASN C 353 40.50 24.05 67.32
C ASN C 353 40.20 24.17 65.82
N VAL C 354 40.23 23.07 65.07
CA VAL C 354 40.03 23.00 63.62
C VAL C 354 38.68 22.42 63.20
N ALA C 355 37.82 22.02 64.15
CA ALA C 355 36.49 21.51 63.86
C ALA C 355 35.57 22.59 63.27
N MET C 356 35.38 22.57 61.95
CA MET C 356 34.27 23.27 61.30
C MET C 356 33.03 22.41 61.46
N LEU C 357 32.17 22.64 62.45
CA LEU C 357 30.95 21.84 62.59
C LEU C 357 29.97 22.11 61.43
N ILE C 358 29.28 21.08 60.97
CA ILE C 358 28.09 21.22 60.11
C ILE C 358 26.83 21.24 60.96
N THR C 359 26.83 20.56 62.12
CA THR C 359 25.83 20.69 63.19
C THR C 359 26.26 21.81 64.15
N PRO C 360 25.77 23.07 64.03
CA PRO C 360 26.17 24.15 64.94
C PRO C 360 25.55 23.96 66.33
N ASN C 361 26.27 24.38 67.37
CA ASN C 361 25.87 24.20 68.78
C ASN C 361 25.26 22.80 69.06
N PRO C 362 26.02 21.70 68.92
CA PRO C 362 25.50 20.36 69.10
C PRO C 362 25.08 20.16 70.55
N ILE C 363 23.92 19.58 70.76
CA ILE C 363 23.24 19.53 72.05
C ILE C 363 22.65 18.15 72.27
N ILE C 364 22.75 17.65 73.48
CA ILE C 364 22.09 16.43 73.92
C ILE C 364 20.87 16.84 74.69
N GLU C 365 19.74 16.22 74.37
CA GLU C 365 18.43 16.48 74.97
C GLU C 365 17.96 15.27 75.77
N ASN C 366 16.88 15.42 76.54
CA ASN C 366 16.37 14.32 77.36
C ASN C 366 15.99 13.06 76.56
N ASN C 367 15.63 13.22 75.28
CA ASN C 367 15.78 12.20 74.25
C ASN C 367 16.32 12.84 72.96
N GLY C 368 17.28 12.20 72.30
CA GLY C 368 17.91 12.68 71.06
C GLY C 368 19.16 13.54 71.27
N GLY C 369 19.84 13.88 70.18
CA GLY C 369 20.91 14.88 70.14
C GLY C 369 22.35 14.40 69.99
N GLY C 370 22.63 13.10 70.12
CA GLY C 370 24.02 12.61 70.11
C GLY C 370 24.83 12.74 68.82
N PHE C 371 24.21 12.87 67.65
CA PHE C 371 24.88 12.83 66.35
C PHE C 371 25.60 14.14 66.03
N ILE C 372 26.83 14.10 65.53
CA ILE C 372 27.62 15.29 65.17
C ILE C 372 28.21 15.06 63.79
N GLU C 373 28.18 16.07 62.94
CA GLU C 373 28.89 16.11 61.68
C GLU C 373 29.83 17.31 61.66
N MET C 374 31.03 17.14 61.14
CA MET C 374 32.04 18.19 61.07
C MET C 374 32.95 18.03 59.88
N GLN C 375 33.69 19.06 59.53
CA GLN C 375 34.72 19.04 58.50
C GLN C 375 36.08 19.40 59.12
N LEU C 376 37.16 18.80 58.61
CA LEU C 376 38.50 18.85 59.18
C LEU C 376 39.55 19.04 58.08
N PRO C 377 40.68 19.70 58.39
CA PRO C 377 41.77 19.85 57.43
C PRO C 377 42.46 18.51 57.12
N PRO C 378 43.12 18.35 55.96
CA PRO C 378 43.85 17.14 55.60
C PRO C 378 44.94 16.76 56.61
N GLY C 379 45.32 15.49 56.64
CA GLY C 379 46.35 14.97 57.54
C GLY C 379 45.79 14.47 58.87
N ASP C 380 46.69 14.25 59.83
CA ASP C 380 46.33 13.75 61.16
C ASP C 380 45.64 14.82 62.03
N ASN C 381 44.56 14.43 62.67
CA ASN C 381 43.78 15.23 63.60
C ASN C 381 43.40 14.37 64.79
N ILE C 382 43.05 14.96 65.92
CA ILE C 382 42.39 14.28 67.02
C ILE C 382 41.04 14.92 67.22
N ILE C 383 39.97 14.15 67.16
CA ILE C 383 38.63 14.59 67.50
C ILE C 383 38.46 14.39 69.00
N TYR C 384 37.85 15.35 69.70
CA TYR C 384 37.51 15.25 71.11
C TYR C 384 36.03 15.50 71.33
N VAL C 385 35.44 14.79 72.28
CA VAL C 385 34.09 15.09 72.79
C VAL C 385 34.16 15.15 74.31
N GLY C 386 34.80 16.19 74.83
CA GLY C 386 35.27 16.23 76.20
C GLY C 386 36.51 15.35 76.38
N GLU C 387 36.41 14.34 77.24
CA GLU C 387 37.46 13.36 77.51
C GLU C 387 37.50 12.20 76.50
N LEU C 388 36.43 11.93 75.74
CA LEU C 388 36.56 11.06 74.58
C LEU C 388 37.50 11.68 73.58
N SER C 389 38.32 10.86 72.95
CA SER C 389 39.04 11.25 71.75
C SER C 389 39.20 10.11 70.76
N HIS C 390 39.50 10.46 69.52
CA HIS C 390 39.70 9.52 68.43
C HIS C 390 40.65 10.14 67.42
N GLN C 391 41.80 9.54 67.16
CA GLN C 391 42.69 10.03 66.12
C GLN C 391 42.05 9.81 64.76
N TRP C 392 41.90 10.86 63.99
CA TRP C 392 41.27 10.86 62.67
C TRP C 392 42.29 11.26 61.61
N PHE C 393 42.45 10.45 60.56
CA PHE C 393 43.22 10.87 59.39
C PHE C 393 42.28 11.34 58.28
N GLN C 394 42.51 12.55 57.78
CA GLN C 394 41.70 13.14 56.74
C GLN C 394 42.43 13.09 55.39
N LYS C 395 41.75 12.50 54.40
CA LYS C 395 42.22 12.29 53.02
C LYS C 395 42.41 13.60 52.25
N GLY C 396 43.27 13.59 51.24
CA GLY C 396 43.38 14.66 50.23
C GLY C 396 43.82 16.01 50.79
#